data_6M3R
#
_entry.id   6M3R
#
_cell.length_a   139.591
_cell.length_b   139.591
_cell.length_c   211.317
_cell.angle_alpha   90.000
_cell.angle_beta   90.000
_cell.angle_gamma   120.000
#
_symmetry.space_group_name_H-M   'P 32 2 1'
#
loop_
_entity.id
_entity.type
_entity.pdbx_description
1 polymer Ankyrin-3
2 polymer 'Spectrin beta chain'
#
loop_
_entity_poly.entity_id
_entity_poly.type
_entity_poly.pdbx_seq_one_letter_code
_entity_poly.pdbx_strand_id
1 'polypeptide(L)'
;ADTLDNVNLVSSPVHSGFLVSFMVDARGGSMRGSRHHGMRIIIPPRKCTAPTRITCRLVKRHKLANPPPMVEGEGLASRL
VEMGPAGAQFLGPVIVEIPHFGSMRGKERELIVLRSENGETWKEHQFDSKNEDLSELLNGMDEELDSPEELGTKRICRII
TKDFPQYFAVVSRIKQESNQIGPEGGILSSTTVPLVQASFPEGALTKRIRVGLQAQPVPEETVKKILGNKATFSPIVTVE
PRRRKFHKPITMTIPVPPPSGEGVSNGYKGDTTPSLRLLCSITGGTSPAQWEDITGTTPLTFIKDCVSFTTNVSARFWLA
DCHQVLETVGLASQLYRELICVPYMAKFVVFAKTNDPVESSLRCFCMTDDRVDKTLEQQENFEEVARSKDIEVLEGKPIY
VDCYGNLAPLTKGGQQLVFNFYSFKENRLPFSIKVRDTSQEPCGRLSFLKEPKTTKGLPQTAVCNLNITLPAHKKAEKAD
RRQSFTSLALR
;
E
2 'polypeptide(L)'
;AFQVEQYYFDVAEVEAWLGEQELLMMSEDKGKDEQSTLQLLKKHLQLEQGVENYEESIAQLSRQCRALLEMGHPDSEQIS
RRQSQVDRLYVALKELGEERRVSLEQQYWLYQLSRQVDELEHWIAEKEVVAGSPELGQDFEHVSVLQEKFSEFASETGTA
GRERLAAVNQMVDELIECGHTAAATMAEWKDGLNEAWAELLELMGTRAQLLAASRELHKFFSDARELQGQIEEKRRRLPR
LTAPPEPRPSASSMQRTLRAFEHDLQLLVSQVRQLQEGAAQLRTVYAGEHAEAIASREQEVLQGWKELLAACEDARLHVS
ST
;
F
#
# COMPACT_ATOMS: atom_id res chain seq x y z
N PHE A 18 3.23 -2.96 14.51
CA PHE A 18 3.83 -1.83 13.82
C PHE A 18 3.00 -1.30 12.63
N LEU A 19 3.22 -0.05 12.26
CA LEU A 19 2.50 0.60 11.16
C LEU A 19 3.33 0.70 9.88
N VAL A 20 4.57 1.16 10.01
CA VAL A 20 5.53 1.13 8.92
C VAL A 20 6.87 0.52 9.39
N SER A 21 7.38 0.90 10.56
CA SER A 21 8.72 0.47 10.93
C SER A 21 8.76 -0.19 12.31
N PHE A 22 9.94 -0.74 12.63
CA PHE A 22 10.33 -1.17 13.97
C PHE A 22 11.80 -1.57 13.96
N MET A 23 12.46 -1.41 15.11
CA MET A 23 13.85 -1.83 15.31
C MET A 23 13.86 -3.28 15.75
N VAL A 24 14.94 -3.99 15.43
CA VAL A 24 15.08 -5.37 15.89
C VAL A 24 16.56 -5.76 15.96
N ASP A 25 16.90 -6.52 17.01
CA ASP A 25 18.26 -6.96 17.32
C ASP A 25 18.42 -8.41 16.88
N ALA A 26 19.65 -8.95 17.06
CA ALA A 26 19.88 -10.36 16.77
C ALA A 26 19.15 -11.30 17.71
N ARG A 27 18.23 -10.84 18.55
CA ARG A 27 17.27 -11.74 19.18
C ARG A 27 16.09 -12.10 18.27
N GLY A 28 15.90 -11.38 17.17
CA GLY A 28 14.89 -11.77 16.20
C GLY A 28 13.47 -11.34 16.56
N GLY A 29 12.67 -11.01 15.55
CA GLY A 29 11.38 -10.38 15.73
C GLY A 29 10.29 -10.94 14.83
N SER A 30 9.07 -11.01 15.35
CA SER A 30 7.97 -11.71 14.69
C SER A 30 6.83 -10.71 14.50
N MET A 31 7.08 -9.65 13.73
CA MET A 31 6.23 -8.46 13.75
C MET A 31 5.25 -8.45 12.59
N ARG A 32 3.96 -8.33 12.92
CA ARG A 32 2.90 -8.15 11.94
C ARG A 32 2.59 -6.67 11.81
N GLY A 33 1.98 -6.31 10.68
CA GLY A 33 1.74 -4.92 10.33
C GLY A 33 0.37 -4.45 10.76
N SER A 34 0.34 -3.48 11.67
CA SER A 34 -0.92 -2.98 12.21
C SER A 34 -1.84 -2.46 11.11
N ARG A 35 -1.30 -1.82 10.09
CA ARG A 35 -2.15 -1.04 9.20
C ARG A 35 -2.80 -1.89 8.11
N HIS A 36 -2.05 -2.75 7.45
CA HIS A 36 -2.56 -3.52 6.32
C HIS A 36 -2.61 -5.01 6.67
N HIS A 37 -3.81 -5.55 6.85
CA HIS A 37 -3.95 -6.86 7.48
C HIS A 37 -3.40 -7.96 6.58
N GLY A 38 -2.50 -8.77 7.13
CA GLY A 38 -1.74 -9.73 6.36
C GLY A 38 -0.26 -9.48 6.49
N MET A 39 0.13 -8.22 6.29
CA MET A 39 1.53 -7.81 6.36
C MET A 39 2.23 -8.40 7.59
N ARG A 40 3.41 -8.95 7.38
CA ARG A 40 4.13 -9.63 8.46
C ARG A 40 5.58 -9.86 8.09
N ILE A 41 6.48 -9.16 8.74
CA ILE A 41 7.91 -9.42 8.60
C ILE A 41 8.33 -10.36 9.73
N ILE A 42 9.15 -11.35 9.39
CA ILE A 42 9.73 -12.25 10.39
C ILE A 42 11.24 -12.31 10.19
N ILE A 43 11.96 -12.03 11.26
CA ILE A 43 13.40 -12.06 11.33
C ILE A 43 13.75 -13.10 12.39
N PRO A 44 14.26 -14.24 12.01
CA PRO A 44 14.58 -15.24 12.98
C PRO A 44 15.83 -14.85 13.75
N PRO A 45 16.09 -15.49 14.88
CA PRO A 45 17.23 -15.12 15.70
C PRO A 45 18.54 -15.30 14.93
N ARG A 46 19.52 -14.47 15.27
CA ARG A 46 20.82 -14.53 14.63
C ARG A 46 20.72 -14.40 13.11
N LYS A 47 19.88 -13.46 12.62
CA LYS A 47 19.82 -13.21 11.18
C LYS A 47 19.91 -11.75 10.76
N CYS A 48 19.67 -10.78 11.65
CA CYS A 48 19.82 -9.34 11.38
C CYS A 48 21.26 -8.90 11.65
N THR A 49 21.80 -8.03 10.79
CA THR A 49 23.18 -7.60 10.94
C THR A 49 23.43 -7.01 12.33
N ALA A 50 22.48 -6.29 12.85
CA ALA A 50 22.60 -5.48 14.07
C ALA A 50 21.17 -5.14 14.48
N PRO A 51 20.96 -4.39 15.56
CA PRO A 51 19.66 -3.73 15.71
C PRO A 51 19.46 -2.74 14.58
N THR A 52 18.30 -2.84 13.92
CA THR A 52 18.08 -2.09 12.69
C THR A 52 16.61 -1.76 12.51
N ARG A 53 16.39 -0.69 11.76
CA ARG A 53 15.07 -0.16 11.45
C ARG A 53 14.52 -0.92 10.24
N ILE A 54 13.61 -1.83 10.50
CA ILE A 54 12.95 -2.57 9.44
C ILE A 54 11.66 -1.86 9.08
N THR A 55 11.36 -1.78 7.79
CA THR A 55 10.24 -1.00 7.30
C THR A 55 9.58 -1.75 6.15
N CYS A 56 8.32 -1.42 5.91
CA CYS A 56 7.51 -2.13 4.94
C CYS A 56 6.27 -1.33 4.62
N ARG A 57 6.37 -0.44 3.65
CA ARG A 57 5.30 0.50 3.38
C ARG A 57 4.75 0.25 1.98
N LEU A 58 3.43 0.06 1.86
CA LEU A 58 2.78 -0.18 0.58
C LEU A 58 2.47 1.15 -0.10
N VAL A 59 3.49 1.69 -0.77
CA VAL A 59 3.33 2.98 -1.45
C VAL A 59 2.31 2.91 -2.59
N LYS A 60 1.57 4.01 -2.78
CA LYS A 60 0.58 4.08 -3.84
C LYS A 60 1.20 4.00 -5.23
N ARG A 61 0.52 3.30 -6.14
CA ARG A 61 1.04 3.09 -7.49
C ARG A 61 1.22 4.40 -8.24
N HIS A 62 0.27 5.33 -8.08
CA HIS A 62 0.34 6.61 -8.77
C HIS A 62 1.56 7.43 -8.36
N LYS A 63 1.91 7.39 -7.06
CA LYS A 63 2.98 8.22 -6.53
C LYS A 63 4.32 7.94 -7.19
N LEU A 64 4.65 6.66 -7.38
CA LEU A 64 5.92 6.25 -7.96
C LEU A 64 6.01 6.47 -9.47
N ALA A 65 7.25 6.37 -9.95
CA ALA A 65 7.64 6.49 -11.34
C ALA A 65 8.28 5.16 -11.71
N ASN A 66 8.52 4.97 -13.01
CA ASN A 66 9.06 3.77 -13.66
C ASN A 66 8.62 2.49 -12.91
N PRO A 67 7.32 2.35 -12.63
CA PRO A 67 6.85 1.17 -11.94
C PRO A 67 7.13 -0.09 -12.75
N PRO A 68 7.36 -1.22 -12.07
CA PRO A 68 7.77 -2.46 -12.73
C PRO A 68 6.93 -2.77 -13.95
N PRO A 69 7.52 -3.08 -15.10
CA PRO A 69 6.72 -3.22 -16.32
C PRO A 69 5.79 -4.43 -16.28
N MET A 70 4.57 -4.25 -16.77
CA MET A 70 3.60 -5.32 -16.91
C MET A 70 3.33 -5.59 -18.39
N VAL A 71 2.98 -6.85 -18.69
CA VAL A 71 2.62 -7.22 -20.06
C VAL A 71 1.11 -7.39 -20.21
N GLU A 72 0.68 -7.73 -21.42
CA GLU A 72 -0.73 -7.96 -21.70
C GLU A 72 -1.18 -9.27 -21.05
N GLY A 73 -2.01 -9.17 -20.00
CA GLY A 73 -2.50 -10.31 -19.26
C GLY A 73 -1.86 -10.51 -17.90
N GLU A 74 -0.72 -9.90 -17.63
CA GLU A 74 -0.15 -9.90 -16.30
C GLU A 74 -0.77 -8.81 -15.44
N GLY A 75 -0.73 -9.03 -14.13
CA GLY A 75 -1.50 -8.20 -13.20
C GLY A 75 -0.90 -7.92 -11.82
N LEU A 76 -1.00 -6.66 -11.38
CA LEU A 76 -0.45 -6.23 -10.11
C LEU A 76 -1.27 -6.75 -8.95
N ALA A 77 -0.66 -7.60 -8.11
CA ALA A 77 -1.41 -8.26 -7.05
C ALA A 77 -1.59 -7.33 -5.86
N SER A 78 -0.48 -6.83 -5.34
CA SER A 78 -0.44 -5.87 -4.26
C SER A 78 0.08 -4.54 -4.78
N ARG A 79 0.12 -3.56 -3.89
CA ARG A 79 0.89 -2.35 -4.13
C ARG A 79 2.37 -2.67 -4.04
N LEU A 80 3.19 -1.65 -4.22
CA LEU A 80 4.61 -1.89 -4.11
C LEU A 80 5.02 -1.64 -2.67
N VAL A 81 6.11 -2.26 -2.27
CA VAL A 81 6.46 -2.36 -0.85
C VAL A 81 7.89 -1.87 -0.65
N GLU A 82 8.03 -0.59 -0.33
CA GLU A 82 9.35 -0.06 0.00
C GLU A 82 9.79 -0.80 1.26
N MET A 83 11.05 -1.22 1.32
CA MET A 83 11.51 -1.95 2.50
C MET A 83 12.48 -1.11 3.33
N GLY A 84 12.58 -1.49 4.60
CA GLY A 84 13.33 -0.73 5.56
C GLY A 84 14.81 -0.55 5.37
N PRO A 85 15.50 -1.57 5.05
CA PRO A 85 16.92 -1.34 4.88
C PRO A 85 17.21 -1.54 3.41
N ALA A 86 17.72 -0.50 2.74
CA ALA A 86 17.89 -0.60 1.30
C ALA A 86 18.82 -1.75 0.95
N GLY A 87 19.91 -1.89 1.68
CA GLY A 87 20.86 -2.94 1.40
C GLY A 87 21.15 -3.93 2.52
N ALA A 88 20.28 -4.08 3.52
CA ALA A 88 20.64 -4.97 4.62
C ALA A 88 20.84 -6.38 4.10
N GLN A 89 21.93 -6.99 4.56
CA GLN A 89 22.28 -8.34 4.17
C GLN A 89 22.17 -9.22 5.40
N PHE A 90 21.14 -10.05 5.44
CA PHE A 90 20.90 -10.93 6.58
C PHE A 90 21.76 -12.18 6.49
N LEU A 91 22.05 -12.74 7.66
CA LEU A 91 22.80 -13.99 7.69
C LEU A 91 21.89 -15.14 7.33
N GLY A 92 20.77 -15.29 8.03
CA GLY A 92 19.81 -16.30 7.69
C GLY A 92 18.97 -15.84 6.52
N PRO A 93 17.86 -16.51 6.31
CA PRO A 93 16.81 -15.93 5.48
C PRO A 93 15.79 -15.25 6.37
N VAL A 94 14.89 -14.50 5.76
CA VAL A 94 13.80 -13.83 6.47
C VAL A 94 12.58 -13.90 5.56
N ILE A 95 11.42 -13.62 6.16
CA ILE A 95 10.15 -13.71 5.44
C ILE A 95 9.46 -12.37 5.47
N VAL A 96 8.92 -12.00 4.33
CA VAL A 96 8.00 -10.91 4.27
C VAL A 96 6.73 -11.51 3.70
N GLU A 97 5.73 -11.66 4.54
CA GLU A 97 4.40 -11.97 4.07
C GLU A 97 3.75 -10.67 3.68
N ILE A 98 3.41 -10.55 2.41
CA ILE A 98 2.65 -9.40 1.92
C ILE A 98 1.31 -9.94 1.47
N PRO A 99 0.21 -9.27 1.76
CA PRO A 99 -1.10 -9.75 1.30
C PRO A 99 -1.46 -9.12 -0.03
N HIS A 100 -2.17 -9.89 -0.84
CA HIS A 100 -2.55 -9.44 -2.18
C HIS A 100 -4.04 -9.57 -2.35
N PHE A 101 -4.51 -9.12 -3.51
CA PHE A 101 -5.91 -9.26 -3.87
C PHE A 101 -6.10 -9.81 -5.27
N GLY A 102 -5.04 -10.27 -5.91
CA GLY A 102 -5.20 -10.98 -7.16
C GLY A 102 -6.02 -12.25 -7.12
N SER A 103 -6.95 -12.39 -8.06
CA SER A 103 -7.72 -13.63 -8.15
C SER A 103 -6.78 -14.72 -8.63
N MET A 104 -6.83 -15.86 -7.95
CA MET A 104 -5.92 -16.92 -8.32
C MET A 104 -6.50 -17.90 -9.32
N ARG A 105 -7.80 -18.17 -9.26
CA ARG A 105 -8.46 -19.10 -10.17
C ARG A 105 -7.79 -20.48 -10.20
N GLY A 106 -7.37 -20.96 -9.02
CA GLY A 106 -6.87 -22.31 -8.90
C GLY A 106 -5.79 -22.78 -9.85
N LYS A 107 -4.67 -22.07 -9.89
CA LYS A 107 -3.49 -22.35 -10.70
C LYS A 107 -3.71 -21.87 -12.15
N GLU A 108 -4.86 -21.25 -12.48
CA GLU A 108 -5.00 -20.70 -13.82
C GLU A 108 -4.06 -19.51 -13.95
N ARG A 109 -3.64 -18.95 -12.80
CA ARG A 109 -2.71 -17.85 -12.67
C ARG A 109 -1.79 -18.07 -11.47
N GLU A 110 -0.59 -17.49 -11.55
CA GLU A 110 0.43 -17.58 -10.51
C GLU A 110 0.85 -16.18 -10.06
N LEU A 111 1.82 -16.15 -9.15
CA LEU A 111 2.35 -14.91 -8.59
C LEU A 111 3.86 -14.92 -8.71
N ILE A 112 4.39 -14.02 -9.55
CA ILE A 112 5.82 -13.81 -9.76
C ILE A 112 6.18 -12.52 -9.03
N VAL A 113 7.35 -12.51 -8.38
CA VAL A 113 7.72 -11.50 -7.38
C VAL A 113 8.92 -10.73 -7.90
N LEU A 114 8.71 -9.46 -8.21
CA LEU A 114 9.81 -8.66 -8.72
C LEU A 114 10.54 -7.96 -7.59
N ARG A 115 11.75 -7.50 -7.90
CA ARG A 115 12.52 -6.70 -6.95
C ARG A 115 13.40 -5.73 -7.72
N SER A 116 13.44 -4.49 -7.24
CA SER A 116 14.34 -3.45 -7.73
C SER A 116 15.24 -3.02 -6.61
N GLU A 117 16.53 -3.00 -6.90
CA GLU A 117 17.49 -2.53 -5.93
C GLU A 117 17.40 -1.04 -5.70
N ASN A 118 17.18 -0.26 -6.76
CA ASN A 118 17.12 1.19 -6.60
C ASN A 118 15.93 1.83 -7.30
N GLY A 119 14.90 1.05 -7.62
CA GLY A 119 13.72 1.58 -8.27
C GLY A 119 14.01 2.17 -9.64
N GLU A 120 14.93 1.56 -10.38
CA GLU A 120 15.18 1.89 -11.78
C GLU A 120 15.17 0.61 -12.57
N THR A 121 15.87 -0.39 -12.03
CA THR A 121 16.06 -1.68 -12.66
C THR A 121 15.17 -2.71 -11.98
N TRP A 122 14.41 -3.45 -12.78
CA TRP A 122 13.44 -4.40 -12.24
C TRP A 122 13.85 -5.83 -12.62
N LYS A 123 14.03 -6.69 -11.62
CA LYS A 123 14.40 -8.09 -11.84
C LYS A 123 13.45 -9.01 -11.09
N GLU A 124 13.36 -10.24 -11.56
CA GLU A 124 12.67 -11.26 -10.79
C GLU A 124 13.48 -11.58 -9.52
N HIS A 125 12.80 -12.01 -8.47
CA HIS A 125 13.43 -12.39 -7.21
C HIS A 125 13.09 -13.84 -6.94
N GLN A 126 14.08 -14.61 -6.48
CA GLN A 126 13.83 -16.02 -6.15
C GLN A 126 14.88 -16.57 -5.20
N PHE A 127 14.48 -17.58 -4.42
CA PHE A 127 15.37 -18.32 -3.53
C PHE A 127 15.28 -19.79 -3.88
N ASP A 128 16.43 -20.40 -4.16
CA ASP A 128 16.51 -21.80 -4.60
C ASP A 128 16.06 -22.80 -3.55
N SER A 129 16.43 -22.61 -2.29
CA SER A 129 16.14 -23.59 -1.24
C SER A 129 15.01 -23.10 -0.37
N LYS A 130 14.02 -23.97 -0.16
CA LYS A 130 12.88 -23.67 0.71
C LYS A 130 12.79 -24.76 1.77
N ASN A 131 12.70 -24.32 3.03
CA ASN A 131 12.57 -25.20 4.19
C ASN A 131 11.67 -24.51 5.21
N GLU A 132 11.09 -25.30 6.11
CA GLU A 132 10.28 -24.74 7.19
C GLU A 132 11.02 -24.76 8.53
N ASP A 133 11.34 -25.95 9.03
CA ASP A 133 11.85 -26.11 10.39
C ASP A 133 13.24 -25.53 10.58
N LEU A 134 13.99 -25.29 9.51
CA LEU A 134 15.38 -24.86 9.62
C LEU A 134 15.54 -23.35 9.56
N SER A 135 14.72 -22.65 8.76
CA SER A 135 14.84 -21.20 8.71
C SER A 135 14.49 -20.56 10.04
N GLU A 136 13.53 -21.13 10.77
CA GLU A 136 13.06 -20.53 12.03
C GLU A 136 14.11 -20.61 13.14
N LEU A 137 14.90 -21.68 13.18
CA LEU A 137 15.96 -21.89 14.17
C LEU A 137 15.36 -21.83 15.58
N LEU A 138 14.49 -22.80 15.85
CA LEU A 138 13.84 -22.95 17.16
C LEU A 138 13.10 -21.67 17.56
N ASN A 139 12.53 -20.97 16.57
CA ASN A 139 11.73 -19.79 16.90
C ASN A 139 10.49 -20.25 17.67
N GLY A 140 10.25 -19.62 18.82
CA GLY A 140 9.16 -20.07 19.69
C GLY A 140 7.79 -20.02 19.05
N MET A 141 7.45 -18.90 18.44
CA MET A 141 6.22 -18.81 17.68
C MET A 141 6.60 -19.04 16.23
N ASP A 142 6.72 -20.32 15.87
CA ASP A 142 7.09 -20.64 14.50
C ASP A 142 5.97 -20.20 13.58
N GLU A 143 4.75 -20.61 13.89
CA GLU A 143 3.54 -20.12 13.23
C GLU A 143 3.68 -20.09 11.71
N GLU A 144 4.22 -21.17 11.13
CA GLU A 144 4.23 -21.23 9.67
C GLU A 144 2.77 -21.15 9.27
N LEU A 145 2.44 -20.30 8.29
CA LEU A 145 1.01 -20.05 8.10
C LEU A 145 0.40 -21.22 7.37
N ASP A 146 -0.02 -22.19 8.19
CA ASP A 146 -0.76 -23.36 7.75
C ASP A 146 0.01 -24.00 6.60
N SER A 147 -0.65 -24.37 5.53
CA SER A 147 0.00 -24.94 4.38
C SER A 147 0.19 -23.86 3.36
N PRO A 148 0.98 -24.14 2.34
CA PRO A 148 1.08 -23.18 1.24
C PRO A 148 -0.28 -22.95 0.63
N GLU A 149 -1.07 -24.01 0.48
CA GLU A 149 -2.43 -23.82 -0.03
C GLU A 149 -3.18 -22.84 0.86
N GLU A 150 -2.94 -22.88 2.18
CA GLU A 150 -3.59 -21.92 3.06
C GLU A 150 -3.24 -20.48 2.67
N LEU A 151 -1.97 -20.23 2.33
CA LEU A 151 -1.63 -18.89 1.84
C LEU A 151 -2.40 -18.56 0.58
N GLY A 152 -2.46 -19.52 -0.36
CA GLY A 152 -3.14 -19.28 -1.62
C GLY A 152 -4.61 -18.96 -1.44
N THR A 153 -5.20 -19.45 -0.34
CA THR A 153 -6.58 -19.15 -0.01
C THR A 153 -6.70 -17.81 0.72
N LYS A 154 -5.78 -17.52 1.63
CA LYS A 154 -5.76 -16.27 2.39
C LYS A 154 -5.24 -15.08 1.58
N ARG A 155 -4.85 -15.28 0.32
CA ARG A 155 -4.39 -14.21 -0.56
C ARG A 155 -3.13 -13.55 0.01
N ILE A 156 -2.27 -14.39 0.59
CA ILE A 156 -0.96 -13.99 1.11
C ILE A 156 0.08 -14.46 0.12
N CYS A 157 1.13 -13.67 -0.03
CA CYS A 157 2.31 -14.01 -0.80
C CYS A 157 3.49 -14.02 0.14
N ARG A 158 4.18 -15.15 0.23
CA ARG A 158 5.33 -15.27 1.10
C ARG A 158 6.56 -14.98 0.24
N ILE A 159 7.27 -13.91 0.57
CA ILE A 159 8.56 -13.61 -0.03
C ILE A 159 9.61 -14.04 0.96
N ILE A 160 10.62 -14.75 0.48
CA ILE A 160 11.69 -15.19 1.35
C ILE A 160 12.99 -14.73 0.74
N THR A 161 13.70 -13.84 1.46
CA THR A 161 14.96 -13.31 0.97
C THR A 161 15.94 -13.28 2.13
N LYS A 162 17.22 -13.21 1.81
CA LYS A 162 18.29 -12.98 2.78
C LYS A 162 18.93 -11.61 2.61
N ASP A 163 18.31 -10.74 1.82
CA ASP A 163 18.79 -9.38 1.66
C ASP A 163 17.63 -8.50 1.17
N PHE A 164 17.45 -7.36 1.81
CA PHE A 164 16.29 -6.56 1.43
C PHE A 164 16.51 -5.67 0.23
N PRO A 165 15.84 -5.99 -0.86
CA PRO A 165 15.87 -5.10 -2.02
C PRO A 165 15.01 -3.90 -1.69
N GLN A 166 15.29 -2.79 -2.35
CA GLN A 166 14.52 -1.59 -2.07
C GLN A 166 13.02 -1.73 -2.39
N TYR A 167 12.65 -2.36 -3.51
CA TYR A 167 11.23 -2.40 -3.78
C TYR A 167 10.79 -3.79 -4.28
N PHE A 168 9.77 -4.40 -3.65
CA PHE A 168 9.21 -5.59 -4.26
C PHE A 168 7.95 -5.22 -5.02
N ALA A 169 7.68 -5.97 -6.08
CA ALA A 169 6.34 -6.07 -6.63
C ALA A 169 5.84 -7.50 -6.46
N VAL A 170 4.53 -7.64 -6.27
CA VAL A 170 3.83 -8.91 -6.48
C VAL A 170 3.05 -8.75 -7.78
N VAL A 171 3.00 -9.83 -8.58
CA VAL A 171 2.33 -9.80 -9.89
C VAL A 171 1.64 -11.14 -10.14
N SER A 172 0.44 -11.09 -10.72
CA SER A 172 -0.30 -12.29 -11.13
C SER A 172 -0.17 -12.48 -12.65
N ARG A 173 0.73 -13.38 -13.05
CA ARG A 173 0.81 -13.83 -14.45
C ARG A 173 -0.09 -15.05 -14.64
N ILE A 174 -0.06 -15.60 -15.85
CA ILE A 174 -0.62 -16.92 -16.09
C ILE A 174 0.45 -17.89 -15.63
N LYS A 175 0.11 -19.18 -15.47
CA LYS A 175 1.17 -20.14 -15.24
C LYS A 175 2.06 -20.17 -16.47
N GLN A 176 3.37 -20.09 -16.27
CA GLN A 176 4.36 -20.12 -17.36
C GLN A 176 5.41 -21.18 -17.05
N GLU A 177 4.98 -22.45 -17.02
CA GLU A 177 5.91 -23.56 -16.76
C GLU A 177 7.17 -23.37 -17.61
N SER A 178 8.36 -23.42 -16.98
CA SER A 178 9.60 -23.02 -17.65
C SER A 178 10.75 -24.00 -17.44
N ASN A 179 11.54 -24.19 -18.50
CA ASN A 179 12.69 -25.11 -18.50
C ASN A 179 13.87 -24.44 -19.21
N GLN A 180 14.85 -25.23 -19.64
CA GLN A 180 15.91 -24.72 -20.50
C GLN A 180 16.37 -25.72 -21.61
N ILE A 187 11.51 -29.96 -24.39
CA ILE A 187 10.21 -30.47 -23.98
C ILE A 187 9.50 -29.61 -22.94
N LEU A 188 8.26 -29.22 -23.22
CA LEU A 188 7.58 -28.26 -22.36
C LEU A 188 6.07 -28.31 -22.59
N SER A 189 5.35 -28.84 -21.62
CA SER A 189 3.91 -29.02 -21.73
C SER A 189 3.32 -28.28 -20.55
N SER A 190 2.06 -27.87 -20.66
CA SER A 190 1.54 -26.91 -19.70
C SER A 190 0.92 -27.59 -18.49
N THR A 191 1.18 -26.99 -17.33
CA THR A 191 0.64 -27.49 -16.08
C THR A 191 -0.84 -27.22 -15.94
N THR A 192 -1.36 -26.20 -16.65
CA THR A 192 -2.80 -25.93 -16.65
C THR A 192 -3.50 -26.96 -17.54
N VAL A 193 -3.23 -26.92 -18.83
CA VAL A 193 -3.89 -27.80 -19.80
C VAL A 193 -2.82 -28.70 -20.39
N PRO A 194 -3.03 -30.00 -20.40
CA PRO A 194 -1.95 -30.93 -20.77
C PRO A 194 -1.93 -31.23 -22.27
N LEU A 195 -3.05 -30.95 -22.94
CA LEU A 195 -3.09 -31.11 -24.39
C LEU A 195 -2.55 -29.86 -25.06
N VAL A 196 -1.45 -29.34 -24.53
CA VAL A 196 -0.80 -28.09 -24.92
C VAL A 196 0.69 -28.32 -24.83
N GLN A 197 1.14 -29.48 -25.32
CA GLN A 197 2.53 -29.85 -25.22
C GLN A 197 3.20 -29.17 -26.41
N ALA A 198 4.15 -28.29 -26.13
CA ALA A 198 4.90 -27.56 -27.14
C ALA A 198 6.37 -27.80 -26.85
N SER A 199 7.05 -28.64 -27.65
CA SER A 199 8.45 -28.99 -27.41
C SER A 199 9.45 -28.57 -28.48
N PHE A 200 10.47 -27.83 -28.04
CA PHE A 200 11.52 -27.40 -28.90
C PHE A 200 12.33 -28.63 -29.36
N PRO A 201 12.67 -28.71 -30.64
CA PRO A 201 13.44 -29.84 -31.17
C PRO A 201 14.93 -29.72 -30.88
N GLU A 202 15.66 -30.79 -31.22
CA GLU A 202 17.10 -30.82 -30.98
C GLU A 202 17.78 -29.68 -31.72
N GLY A 203 18.71 -29.01 -31.05
CA GLY A 203 19.50 -27.96 -31.68
C GLY A 203 18.83 -26.78 -32.36
N ALA A 204 17.80 -26.20 -31.76
CA ALA A 204 17.18 -25.03 -32.35
C ALA A 204 17.49 -23.75 -31.57
N LEU A 205 18.25 -23.83 -30.49
CA LEU A 205 18.61 -22.68 -29.68
C LEU A 205 20.12 -22.63 -29.49
N THR A 206 20.71 -21.45 -29.72
CA THR A 206 22.16 -21.32 -29.61
C THR A 206 22.64 -21.56 -28.18
N LYS A 207 22.02 -20.92 -27.19
CA LYS A 207 22.37 -21.08 -25.78
C LYS A 207 21.24 -21.72 -25.00
N ARG A 208 21.54 -22.82 -24.29
CA ARG A 208 20.48 -23.60 -23.65
C ARG A 208 19.81 -22.74 -22.58
N ILE A 209 18.79 -22.00 -22.99
CA ILE A 209 18.23 -20.90 -22.20
C ILE A 209 16.85 -21.30 -21.68
N ARG A 210 16.47 -20.70 -20.56
CA ARG A 210 15.14 -20.91 -20.02
C ARG A 210 14.07 -20.37 -20.97
N VAL A 211 12.99 -21.12 -21.09
CA VAL A 211 11.86 -20.79 -21.95
C VAL A 211 10.60 -21.26 -21.27
N GLY A 212 9.56 -20.43 -21.32
CA GLY A 212 8.33 -20.70 -20.61
C GLY A 212 7.11 -20.76 -21.51
N LEU A 213 6.15 -21.58 -21.08
CA LEU A 213 4.93 -21.87 -21.83
C LEU A 213 3.77 -21.49 -20.94
N GLN A 214 2.97 -20.56 -21.45
CA GLN A 214 1.76 -20.03 -20.82
C GLN A 214 0.54 -20.54 -21.55
N ALA A 215 -0.56 -20.74 -20.80
CA ALA A 215 -1.72 -21.47 -21.32
C ALA A 215 -3.01 -20.92 -20.70
N GLN A 216 -3.55 -19.86 -21.30
CA GLN A 216 -4.78 -19.22 -20.80
C GLN A 216 -6.02 -19.80 -21.48
N PRO A 217 -6.87 -20.51 -20.79
CA PRO A 217 -8.03 -21.09 -21.48
C PRO A 217 -9.07 -20.01 -21.75
N VAL A 218 -10.27 -20.39 -22.19
CA VAL A 218 -11.38 -19.44 -22.28
C VAL A 218 -12.63 -20.12 -21.77
N PRO A 219 -13.35 -19.48 -20.84
CA PRO A 219 -14.71 -19.97 -20.49
C PRO A 219 -15.70 -19.72 -21.62
N GLU A 220 -16.39 -20.78 -22.00
CA GLU A 220 -17.58 -20.66 -22.84
C GLU A 220 -18.54 -19.58 -22.34
N GLU A 221 -18.84 -19.58 -21.02
CA GLU A 221 -19.72 -18.60 -20.39
C GLU A 221 -19.48 -17.17 -20.85
N THR A 222 -18.21 -16.81 -21.03
CA THR A 222 -17.81 -15.51 -21.53
C THR A 222 -17.75 -15.45 -23.06
N VAL A 223 -17.67 -16.60 -23.73
CA VAL A 223 -17.82 -16.64 -25.20
C VAL A 223 -19.23 -16.17 -25.59
N LYS A 224 -20.20 -16.39 -24.70
CA LYS A 224 -21.54 -15.81 -24.88
C LYS A 224 -21.47 -14.31 -25.13
N LYS A 225 -20.61 -13.60 -24.39
CA LYS A 225 -20.41 -12.16 -24.56
C LYS A 225 -20.47 -11.75 -26.02
N ILE A 226 -19.59 -12.30 -26.86
CA ILE A 226 -19.66 -12.07 -28.30
C ILE A 226 -19.28 -13.34 -29.05
N LYS A 230 -21.84 -18.01 -30.41
CA LYS A 230 -21.67 -17.46 -31.75
C LYS A 230 -20.55 -18.12 -32.60
N ALA A 231 -19.31 -18.11 -32.10
CA ALA A 231 -18.16 -18.62 -32.84
C ALA A 231 -17.03 -18.97 -31.86
N THR A 232 -16.52 -20.20 -31.92
CA THR A 232 -15.79 -20.83 -30.82
C THR A 232 -14.28 -20.52 -30.77
N PHE A 233 -13.68 -20.84 -29.62
CA PHE A 233 -12.27 -20.57 -29.33
C PHE A 233 -11.64 -21.63 -28.44
N SER A 234 -10.33 -21.78 -28.59
CA SER A 234 -9.45 -22.67 -27.85
C SER A 234 -8.62 -21.89 -26.82
N PRO A 235 -7.87 -22.58 -25.97
CA PRO A 235 -6.88 -21.90 -25.14
C PRO A 235 -6.04 -20.92 -25.96
N ILE A 236 -5.62 -19.85 -25.30
CA ILE A 236 -4.60 -18.94 -25.80
C ILE A 236 -3.24 -19.40 -25.30
N VAL A 237 -2.46 -19.96 -26.19
CA VAL A 237 -1.15 -20.49 -25.83
C VAL A 237 -0.11 -19.43 -26.18
N THR A 238 0.92 -19.31 -25.34
CA THR A 238 1.98 -18.35 -25.56
C THR A 238 3.28 -18.96 -25.06
N VAL A 239 4.38 -18.57 -25.69
CA VAL A 239 5.72 -18.95 -25.24
C VAL A 239 6.46 -17.72 -24.77
N GLU A 240 7.03 -17.83 -23.58
CA GLU A 240 7.31 -16.65 -22.78
C GLU A 240 8.46 -15.84 -23.37
N PRO A 241 9.58 -16.45 -23.84
CA PRO A 241 10.60 -15.62 -24.48
C PRO A 241 10.15 -15.22 -25.87
N ARG A 242 9.57 -14.03 -26.01
CA ARG A 242 8.75 -13.69 -27.17
C ARG A 242 9.52 -12.98 -28.28
N ARG A 243 9.03 -13.16 -29.51
CA ARG A 243 9.54 -12.52 -30.74
C ARG A 243 11.00 -12.88 -30.99
N ARG A 244 11.42 -14.03 -30.47
CA ARG A 244 12.76 -14.54 -30.68
C ARG A 244 12.63 -15.70 -31.65
N LYS A 245 13.29 -15.59 -32.80
CA LYS A 245 13.20 -16.64 -33.81
C LYS A 245 13.82 -17.91 -33.25
N PHE A 246 13.24 -19.05 -33.62
CA PHE A 246 13.73 -20.35 -33.20
C PHE A 246 14.42 -20.91 -34.44
N HIS A 247 15.67 -21.32 -34.26
CA HIS A 247 16.51 -21.73 -35.38
C HIS A 247 15.96 -22.92 -36.16
N LYS A 248 15.51 -23.91 -35.49
CA LYS A 248 14.92 -25.11 -36.06
C LYS A 248 13.44 -25.09 -35.67
N PRO A 249 12.53 -25.45 -36.57
CA PRO A 249 11.10 -25.29 -36.28
C PRO A 249 10.73 -25.95 -34.96
N ILE A 250 9.83 -25.30 -34.22
CA ILE A 250 9.40 -25.70 -32.88
C ILE A 250 7.95 -26.17 -32.90
N THR A 251 7.74 -27.39 -32.39
CA THR A 251 6.43 -28.01 -32.42
C THR A 251 5.46 -27.29 -31.50
N MET A 252 4.18 -27.42 -31.81
CA MET A 252 3.16 -26.87 -30.94
C MET A 252 2.01 -27.85 -30.93
N THR A 253 1.27 -27.86 -29.84
CA THR A 253 0.05 -28.65 -29.74
C THR A 253 -0.93 -27.77 -28.98
N ILE A 254 -2.15 -27.67 -29.49
CA ILE A 254 -3.13 -26.78 -28.86
C ILE A 254 -4.42 -27.57 -28.94
N PRO A 255 -5.27 -27.54 -27.93
CA PRO A 255 -6.52 -28.29 -28.03
C PRO A 255 -7.52 -27.42 -28.76
N VAL A 256 -8.48 -28.07 -29.41
CA VAL A 256 -9.35 -27.38 -30.37
C VAL A 256 -10.57 -26.80 -29.67
N PRO A 257 -11.23 -25.79 -30.24
CA PRO A 257 -12.52 -25.39 -29.70
C PRO A 257 -13.59 -26.41 -30.04
N PRO A 258 -14.70 -26.41 -29.30
CA PRO A 258 -15.90 -27.17 -29.71
C PRO A 258 -16.68 -26.39 -30.76
N PRO A 259 -17.80 -26.95 -31.33
CA PRO A 259 -18.35 -26.36 -32.56
C PRO A 259 -19.60 -25.49 -32.38
N SER A 260 -19.90 -24.69 -33.42
CA SER A 260 -21.08 -23.82 -33.42
C SER A 260 -22.18 -24.36 -34.32
N PRO A 274 -13.58 -23.38 -45.62
CA PRO A 274 -12.92 -23.83 -44.39
C PRO A 274 -13.58 -23.25 -43.12
N SER A 275 -13.63 -24.08 -42.07
CA SER A 275 -14.32 -23.72 -40.83
C SER A 275 -13.38 -23.16 -39.78
N LEU A 276 -12.15 -23.63 -39.74
CA LEU A 276 -11.22 -23.35 -38.66
C LEU A 276 -10.14 -22.39 -39.11
N ARG A 277 -9.93 -21.33 -38.33
CA ARG A 277 -8.87 -20.38 -38.60
C ARG A 277 -7.94 -20.37 -37.38
N LEU A 278 -6.63 -20.26 -37.63
CA LEU A 278 -5.62 -20.13 -36.59
C LEU A 278 -5.09 -18.70 -36.62
N LEU A 279 -4.83 -18.15 -35.44
CA LEU A 279 -4.41 -16.78 -35.30
C LEU A 279 -3.05 -16.77 -34.61
N CYS A 280 -2.32 -15.66 -34.82
CA CYS A 280 -1.09 -15.39 -34.09
C CYS A 280 -0.78 -13.90 -34.00
N SER A 281 -0.09 -13.53 -32.90
CA SER A 281 0.57 -12.24 -32.76
C SER A 281 2.02 -12.37 -32.33
N ILE A 282 2.93 -11.63 -32.99
CA ILE A 282 4.36 -11.79 -32.73
C ILE A 282 4.91 -10.70 -31.80
N THR A 283 4.08 -9.75 -31.39
CA THR A 283 4.57 -8.58 -30.68
C THR A 283 5.08 -9.01 -29.32
N GLY A 284 6.13 -8.35 -28.85
CA GLY A 284 6.84 -8.79 -27.66
C GLY A 284 6.79 -7.83 -26.49
N GLY A 285 6.74 -8.40 -25.29
CA GLY A 285 6.78 -7.62 -24.06
C GLY A 285 5.67 -6.62 -23.79
N THR A 286 6.11 -5.40 -23.47
CA THR A 286 5.26 -4.33 -22.96
C THR A 286 4.10 -4.00 -23.87
N SER A 287 4.32 -3.96 -25.17
CA SER A 287 3.25 -3.57 -26.06
C SER A 287 2.18 -4.66 -26.18
N PRO A 288 0.93 -4.26 -26.45
CA PRO A 288 -0.14 -5.23 -26.65
C PRO A 288 0.02 -5.93 -27.99
N ALA A 289 -0.50 -7.15 -28.06
CA ALA A 289 -0.34 -7.81 -29.33
C ALA A 289 -1.46 -7.47 -30.32
N GLN A 290 -1.30 -7.94 -31.56
CA GLN A 290 -2.30 -7.78 -32.62
C GLN A 290 -2.50 -9.12 -33.30
N TRP A 291 -3.72 -9.40 -33.75
CA TRP A 291 -3.98 -10.70 -34.34
C TRP A 291 -4.10 -10.66 -35.86
N GLU A 292 -3.85 -11.82 -36.47
CA GLU A 292 -4.08 -12.04 -37.89
C GLU A 292 -4.24 -13.53 -38.16
N ASP A 293 -4.97 -13.86 -39.24
CA ASP A 293 -5.22 -15.26 -39.59
C ASP A 293 -4.00 -15.74 -40.38
N ILE A 294 -3.46 -16.89 -39.99
CA ILE A 294 -2.31 -17.49 -40.66
C ILE A 294 -2.56 -18.95 -40.98
N THR A 295 -3.79 -19.26 -41.40
CA THR A 295 -4.09 -20.65 -41.73
C THR A 295 -3.22 -21.11 -42.89
N GLY A 296 -3.09 -20.26 -43.91
CA GLY A 296 -2.34 -20.62 -45.11
C GLY A 296 -0.86 -20.88 -44.87
N THR A 297 -0.23 -20.09 -44.01
CA THR A 297 1.21 -20.21 -43.82
C THR A 297 1.61 -21.27 -42.80
N THR A 298 0.65 -22.00 -42.25
CA THR A 298 0.95 -23.02 -41.27
C THR A 298 0.26 -24.32 -41.63
N PRO A 299 0.97 -25.45 -41.58
CA PRO A 299 0.33 -26.74 -41.89
C PRO A 299 -0.28 -27.28 -40.61
N LEU A 300 -1.53 -27.72 -40.66
CA LEU A 300 -2.37 -27.86 -39.47
C LEU A 300 -2.60 -29.33 -39.16
N THR A 301 -1.61 -29.95 -38.52
CA THR A 301 -1.65 -31.41 -38.28
C THR A 301 -2.65 -31.77 -37.19
N PHE A 302 -3.48 -32.79 -37.45
CA PHE A 302 -4.55 -33.19 -36.54
C PHE A 302 -4.24 -34.46 -35.76
N ILE A 303 -4.51 -34.39 -34.46
CA ILE A 303 -4.43 -35.49 -33.51
C ILE A 303 -5.65 -35.36 -32.63
N LYS A 304 -6.17 -36.49 -32.16
CA LYS A 304 -7.41 -36.48 -31.43
C LYS A 304 -7.39 -35.48 -30.28
N ASP A 305 -8.37 -34.58 -30.30
CA ASP A 305 -8.66 -33.47 -29.39
C ASP A 305 -7.85 -32.21 -29.66
N CYS A 306 -6.84 -32.22 -30.51
CA CYS A 306 -5.97 -31.04 -30.61
C CYS A 306 -5.38 -30.92 -32.01
N VAL A 307 -4.33 -30.08 -32.13
CA VAL A 307 -3.61 -29.73 -33.36
C VAL A 307 -2.12 -29.52 -33.07
N SER A 308 -1.27 -30.25 -33.79
CA SER A 308 0.18 -30.06 -33.82
C SER A 308 0.60 -29.26 -35.06
N PHE A 309 1.55 -28.33 -34.89
CA PHE A 309 2.06 -27.60 -36.04
C PHE A 309 3.42 -27.00 -35.70
N THR A 310 4.13 -26.55 -36.72
CA THR A 310 5.44 -25.92 -36.56
C THR A 310 5.31 -24.41 -36.71
N THR A 311 6.12 -23.69 -35.94
CA THR A 311 6.47 -22.32 -36.27
C THR A 311 7.96 -22.16 -36.09
N ASN A 312 8.47 -20.97 -36.39
CA ASN A 312 9.86 -20.63 -36.13
C ASN A 312 10.03 -19.34 -35.33
N VAL A 313 8.96 -18.84 -34.73
CA VAL A 313 8.99 -17.62 -33.93
C VAL A 313 8.17 -17.85 -32.67
N SER A 314 8.63 -17.30 -31.56
CA SER A 314 7.95 -17.43 -30.27
C SER A 314 6.89 -16.34 -30.11
N ALA A 315 5.62 -16.74 -30.02
CA ALA A 315 4.55 -15.75 -30.10
C ALA A 315 3.25 -16.32 -29.55
N ARG A 316 2.15 -15.57 -29.77
CA ARG A 316 0.81 -15.88 -29.25
C ARG A 316 0.00 -16.62 -30.29
N PHE A 317 -0.50 -17.81 -29.93
CA PHE A 317 -1.27 -18.68 -30.83
C PHE A 317 -2.66 -18.95 -30.26
N TRP A 318 -3.66 -18.90 -31.15
CA TRP A 318 -5.03 -18.98 -30.67
C TRP A 318 -5.94 -19.44 -31.79
N LEU A 319 -6.83 -20.40 -31.53
CA LEU A 319 -7.65 -21.03 -32.56
C LEU A 319 -9.10 -20.54 -32.52
N ALA A 320 -9.78 -20.70 -33.65
CA ALA A 320 -11.13 -20.14 -33.78
C ALA A 320 -11.87 -20.85 -34.90
N ASP A 321 -12.72 -21.78 -34.53
CA ASP A 321 -13.59 -22.46 -35.47
C ASP A 321 -14.84 -21.62 -35.64
N CYS A 322 -14.97 -21.00 -36.81
CA CYS A 322 -16.24 -20.46 -37.26
C CYS A 322 -16.15 -20.21 -38.75
N HIS A 323 -17.29 -20.33 -39.43
CA HIS A 323 -17.38 -20.35 -40.88
C HIS A 323 -17.49 -18.95 -41.50
N GLN A 324 -17.11 -17.89 -40.78
CA GLN A 324 -16.90 -16.58 -41.40
C GLN A 324 -15.53 -16.05 -41.01
N VAL A 325 -14.73 -15.71 -42.01
CA VAL A 325 -13.31 -15.54 -41.80
C VAL A 325 -12.94 -14.07 -41.63
N LEU A 326 -13.63 -13.17 -42.34
CA LEU A 326 -13.31 -11.77 -42.17
C LEU A 326 -13.54 -11.29 -40.75
N GLU A 327 -14.53 -11.84 -40.06
CA GLU A 327 -14.78 -11.44 -38.69
C GLU A 327 -13.82 -12.06 -37.68
N THR A 328 -13.19 -13.20 -38.00
CA THR A 328 -12.39 -13.91 -37.00
C THR A 328 -11.24 -13.06 -36.45
N VAL A 329 -10.80 -12.02 -37.16
CA VAL A 329 -9.81 -11.13 -36.58
C VAL A 329 -10.44 -10.28 -35.47
N GLY A 330 -11.51 -9.55 -35.81
CA GLY A 330 -12.06 -8.60 -34.85
C GLY A 330 -12.91 -9.25 -33.79
N LEU A 331 -13.63 -10.32 -34.14
CA LEU A 331 -14.37 -11.07 -33.15
C LEU A 331 -13.41 -11.74 -32.18
N ALA A 332 -12.14 -11.86 -32.55
CA ALA A 332 -11.16 -12.32 -31.57
C ALA A 332 -10.75 -11.15 -30.69
N SER A 333 -10.34 -10.03 -31.30
CA SER A 333 -9.81 -8.90 -30.55
C SER A 333 -10.86 -8.18 -29.71
N GLN A 334 -12.15 -8.46 -29.94
CA GLN A 334 -13.15 -8.06 -28.96
C GLN A 334 -13.07 -8.96 -27.73
N LEU A 335 -12.99 -10.28 -27.96
CA LEU A 335 -12.89 -11.26 -26.87
C LEU A 335 -11.57 -11.09 -26.13
N TYR A 336 -10.50 -10.93 -26.88
CA TYR A 336 -9.19 -10.76 -26.28
C TYR A 336 -9.23 -9.67 -25.21
N ARG A 337 -9.73 -8.48 -25.59
CA ARG A 337 -9.95 -7.39 -24.63
C ARG A 337 -10.54 -7.86 -23.31
N GLU A 338 -11.57 -8.72 -23.35
CA GLU A 338 -12.16 -9.25 -22.12
C GLU A 338 -11.20 -10.15 -21.34
N LEU A 339 -10.42 -10.98 -22.03
CA LEU A 339 -9.60 -11.96 -21.31
C LEU A 339 -8.42 -11.31 -20.57
N ILE A 340 -7.82 -10.27 -21.16
CA ILE A 340 -6.62 -9.66 -20.58
C ILE A 340 -6.86 -8.91 -19.28
N CYS A 341 -8.11 -8.60 -18.96
CA CYS A 341 -8.39 -7.88 -17.73
C CYS A 341 -7.99 -8.72 -16.53
N VAL A 342 -7.60 -8.03 -15.47
CA VAL A 342 -6.94 -8.64 -14.31
C VAL A 342 -8.05 -8.96 -13.32
N PRO A 343 -7.99 -10.08 -12.61
CA PRO A 343 -9.06 -10.39 -11.68
C PRO A 343 -8.68 -10.02 -10.27
N TYR A 344 -9.65 -9.64 -9.47
CA TYR A 344 -9.35 -9.25 -8.10
C TYR A 344 -10.44 -9.75 -7.16
N MET A 345 -10.01 -10.27 -6.02
CA MET A 345 -10.92 -10.77 -5.00
C MET A 345 -11.28 -9.60 -4.10
N ALA A 346 -12.26 -8.79 -4.56
CA ALA A 346 -12.63 -7.56 -3.88
C ALA A 346 -13.76 -7.76 -2.88
N LYS A 347 -13.73 -6.96 -1.81
CA LYS A 347 -14.85 -6.86 -0.90
C LYS A 347 -15.86 -5.83 -1.41
N PHE A 348 -17.15 -6.10 -1.17
CA PHE A 348 -18.25 -5.20 -1.49
C PHE A 348 -18.85 -4.71 -0.18
N VAL A 349 -18.82 -3.40 0.05
CA VAL A 349 -19.41 -2.85 1.27
C VAL A 349 -20.38 -1.75 0.87
N VAL A 350 -21.50 -1.67 1.60
CA VAL A 350 -22.55 -0.69 1.37
C VAL A 350 -22.70 0.11 2.65
N PHE A 351 -22.57 1.42 2.55
CA PHE A 351 -22.73 2.33 3.68
C PHE A 351 -24.04 3.09 3.54
N ALA A 352 -24.72 3.32 4.65
CA ALA A 352 -26.02 3.98 4.63
C ALA A 352 -26.14 5.01 5.75
N LYS A 353 -26.98 6.02 5.51
CA LYS A 353 -27.26 7.09 6.47
C LYS A 353 -28.44 7.94 6.00
N THR A 354 -29.57 7.85 6.70
CA THR A 354 -30.77 8.61 6.34
C THR A 354 -30.65 10.12 6.55
N SER A 361 -29.53 8.54 0.70
CA SER A 361 -29.04 8.20 2.02
C SER A 361 -27.96 7.10 1.98
N LEU A 362 -27.71 6.54 0.79
CA LEU A 362 -26.80 5.41 0.61
C LEU A 362 -25.55 5.80 -0.16
N ARG A 363 -24.46 5.09 0.14
CA ARG A 363 -23.20 5.20 -0.57
C ARG A 363 -22.61 3.79 -0.66
N CYS A 364 -22.39 3.31 -1.89
CA CYS A 364 -21.98 1.94 -2.18
C CYS A 364 -20.53 1.92 -2.62
N PHE A 365 -19.80 0.92 -2.15
CA PHE A 365 -18.37 0.79 -2.36
C PHE A 365 -17.94 -0.61 -2.76
N CYS A 366 -16.96 -0.65 -3.66
CA CYS A 366 -16.23 -1.84 -4.06
C CYS A 366 -14.77 -1.53 -3.81
N MET A 367 -14.14 -2.32 -2.96
CA MET A 367 -12.81 -1.95 -2.55
C MET A 367 -12.02 -3.14 -2.02
N THR A 368 -10.71 -2.90 -1.94
CA THR A 368 -9.72 -3.79 -1.37
C THR A 368 -8.63 -2.89 -0.81
N ASP A 369 -8.00 -3.35 0.27
CA ASP A 369 -6.80 -2.79 0.93
C ASP A 369 -7.04 -1.47 1.66
N ASP A 370 -8.28 -1.03 1.83
CA ASP A 370 -8.54 0.21 2.55
C ASP A 370 -8.79 -0.08 4.01
N ARG A 371 -8.49 0.89 4.88
CA ARG A 371 -8.78 0.68 6.28
C ARG A 371 -10.29 0.57 6.43
N VAL A 372 -10.73 -0.45 7.17
CA VAL A 372 -12.17 -0.70 7.29
C VAL A 372 -12.87 0.49 7.93
N ASP A 373 -12.31 1.00 9.03
CA ASP A 373 -12.93 2.11 9.76
C ASP A 373 -12.80 3.35 8.90
N LYS A 374 -13.68 3.46 7.89
CA LYS A 374 -13.64 4.61 7.01
C LYS A 374 -13.97 5.84 7.83
N THR A 375 -13.05 6.81 7.82
CA THR A 375 -13.26 8.03 8.61
C THR A 375 -14.38 8.90 8.05
N LEU A 376 -14.43 9.07 6.72
CA LEU A 376 -15.38 10.00 6.11
C LEU A 376 -16.80 9.64 6.53
N GLU A 377 -17.13 8.36 6.43
CA GLU A 377 -18.48 7.90 6.64
C GLU A 377 -18.83 7.82 8.13
N GLN A 378 -17.97 7.19 8.95
CA GLN A 378 -18.19 7.14 10.40
C GLN A 378 -18.33 8.53 11.02
N GLN A 379 -17.72 9.56 10.40
CA GLN A 379 -17.94 10.93 10.86
C GLN A 379 -19.22 11.56 10.32
N GLU A 380 -19.51 11.39 9.03
CA GLU A 380 -20.79 11.89 8.51
C GLU A 380 -22.01 11.17 9.10
N ASN A 381 -21.72 10.29 10.06
CA ASN A 381 -22.68 9.42 10.71
C ASN A 381 -23.37 8.53 9.68
N PHE A 382 -22.65 7.52 9.22
CA PHE A 382 -23.10 6.45 8.34
C PHE A 382 -22.93 5.12 9.05
N GLU A 383 -23.60 4.09 8.55
CA GLU A 383 -23.50 2.75 9.11
C GLU A 383 -23.22 1.75 7.99
N GLU A 384 -22.19 0.93 8.17
CA GLU A 384 -21.88 -0.12 7.21
C GLU A 384 -22.97 -1.17 7.32
N VAL A 385 -23.83 -1.21 6.31
CA VAL A 385 -25.02 -2.07 6.34
C VAL A 385 -24.76 -3.47 5.80
N ALA A 386 -23.75 -3.65 4.94
CA ALA A 386 -23.44 -4.98 4.43
C ALA A 386 -22.03 -4.97 3.86
N ARG A 387 -21.13 -5.71 4.51
CA ARG A 387 -19.79 -6.00 4.01
C ARG A 387 -19.79 -7.46 3.57
N SER A 388 -19.57 -7.70 2.28
CA SER A 388 -19.74 -9.02 1.69
C SER A 388 -18.44 -9.81 1.68
N LYS A 389 -18.55 -11.07 1.29
CA LYS A 389 -17.38 -11.93 1.11
C LYS A 389 -16.54 -11.44 -0.07
N ASP A 390 -15.47 -12.19 -0.35
CA ASP A 390 -14.49 -11.78 -1.35
C ASP A 390 -14.93 -12.30 -2.71
N ILE A 391 -14.82 -11.46 -3.75
CA ILE A 391 -15.50 -11.70 -5.03
C ILE A 391 -14.60 -11.31 -6.19
N GLU A 392 -14.48 -12.19 -7.19
CA GLU A 392 -13.70 -11.90 -8.37
C GLU A 392 -14.41 -10.85 -9.23
N VAL A 393 -13.78 -9.69 -9.39
CA VAL A 393 -14.28 -8.60 -10.22
C VAL A 393 -13.17 -8.16 -11.16
N LEU A 394 -13.55 -7.38 -12.16
CA LEU A 394 -12.77 -7.18 -13.38
C LEU A 394 -12.20 -5.77 -13.37
N GLU A 395 -10.87 -5.66 -13.19
CA GLU A 395 -10.20 -4.36 -13.03
C GLU A 395 -10.31 -3.60 -14.34
N GLY A 396 -11.46 -2.95 -14.51
CA GLY A 396 -11.74 -2.21 -15.73
C GLY A 396 -13.20 -2.27 -16.13
N LYS A 397 -13.75 -3.49 -16.16
CA LYS A 397 -15.14 -3.69 -16.54
C LYS A 397 -16.05 -3.01 -15.53
N PRO A 398 -16.92 -2.10 -15.96
CA PRO A 398 -17.84 -1.45 -15.04
C PRO A 398 -18.86 -2.44 -14.49
N ILE A 399 -19.29 -2.21 -13.24
CA ILE A 399 -20.19 -3.14 -12.57
C ILE A 399 -21.52 -2.44 -12.26
N TYR A 400 -22.62 -3.15 -12.52
CA TYR A 400 -23.97 -2.65 -12.38
C TYR A 400 -24.57 -2.99 -11.00
N VAL A 401 -25.70 -2.34 -10.69
CA VAL A 401 -26.42 -2.56 -9.45
C VAL A 401 -27.92 -2.59 -9.73
N ASP A 402 -28.58 -3.63 -9.25
CA ASP A 402 -30.04 -3.76 -9.26
C ASP A 402 -30.55 -3.81 -7.83
N CYS A 403 -31.80 -3.38 -7.67
CA CYS A 403 -32.43 -3.24 -6.35
C CYS A 403 -33.65 -4.15 -6.26
N TYR A 404 -33.61 -5.08 -5.31
CA TYR A 404 -34.74 -5.95 -4.98
C TYR A 404 -35.01 -5.67 -3.49
N GLY A 405 -35.65 -4.53 -3.20
CA GLY A 405 -35.80 -4.12 -1.81
C GLY A 405 -36.96 -3.30 -1.28
N ASN A 406 -36.79 -2.80 -0.04
CA ASN A 406 -37.86 -2.08 0.65
C ASN A 406 -38.34 -0.87 -0.14
N LEU A 407 -37.41 -0.08 -0.68
CA LEU A 407 -37.77 1.09 -1.46
C LEU A 407 -36.90 1.11 -2.71
N ALA A 408 -37.42 1.75 -3.75
CA ALA A 408 -36.78 1.91 -5.04
C ALA A 408 -35.77 3.06 -5.03
N PRO A 409 -34.88 3.12 -6.03
CA PRO A 409 -33.98 4.28 -6.11
C PRO A 409 -34.71 5.51 -6.60
N LEU A 410 -34.22 6.68 -6.19
CA LEU A 410 -34.83 7.92 -6.65
C LEU A 410 -34.69 8.08 -8.17
N THR A 411 -35.76 8.55 -8.81
CA THR A 411 -35.82 8.75 -10.25
C THR A 411 -35.40 7.49 -11.02
N GLN A 415 -33.03 5.86 -16.01
CA GLN A 415 -31.60 5.60 -16.18
C GLN A 415 -31.09 4.52 -15.21
N GLN A 416 -30.21 3.65 -15.68
CA GLN A 416 -29.57 2.62 -14.87
C GLN A 416 -28.22 3.11 -14.37
N LEU A 417 -27.70 2.42 -13.36
CA LEU A 417 -26.53 2.90 -12.66
C LEU A 417 -25.42 1.87 -12.60
N VAL A 418 -24.20 2.39 -12.55
CA VAL A 418 -23.00 1.59 -12.79
C VAL A 418 -21.83 2.36 -12.19
N PHE A 419 -20.80 1.62 -11.80
CA PHE A 419 -19.53 2.27 -11.49
C PHE A 419 -18.41 1.33 -11.88
N ASN A 420 -17.37 1.88 -12.49
CA ASN A 420 -16.23 1.11 -12.97
C ASN A 420 -15.33 0.74 -11.80
N PHE A 421 -15.13 -0.55 -11.61
CA PHE A 421 -14.20 -1.00 -10.59
C PHE A 421 -12.79 -0.89 -11.13
N TYR A 422 -11.91 -0.31 -10.34
CA TYR A 422 -10.47 -0.40 -10.56
C TYR A 422 -9.83 -1.01 -9.33
N SER A 423 -8.65 -1.57 -9.54
CA SER A 423 -7.93 -2.20 -8.46
C SER A 423 -7.19 -1.14 -7.66
N PHE A 424 -7.30 -1.23 -6.34
CA PHE A 424 -6.62 -0.32 -5.41
C PHE A 424 -7.12 1.12 -5.47
N LYS A 425 -8.33 1.35 -5.96
CA LYS A 425 -8.97 2.65 -5.86
C LYS A 425 -10.27 2.53 -5.09
N GLU A 426 -10.61 3.56 -4.34
CA GLU A 426 -11.94 3.60 -3.73
C GLU A 426 -12.96 3.88 -4.82
N ASN A 427 -14.13 3.29 -4.66
CA ASN A 427 -15.12 3.27 -5.74
C ASN A 427 -16.48 3.77 -5.25
N ARG A 428 -16.73 5.03 -5.57
CA ARG A 428 -17.89 5.76 -5.07
C ARG A 428 -19.12 5.37 -5.86
N LEU A 429 -20.21 5.13 -5.15
CA LEU A 429 -21.52 4.96 -5.77
C LEU A 429 -22.54 5.57 -4.82
N PRO A 430 -22.86 6.84 -4.97
CA PRO A 430 -23.83 7.45 -4.06
C PRO A 430 -25.27 7.25 -4.53
N PHE A 431 -26.19 7.34 -3.58
CA PHE A 431 -27.59 7.06 -3.86
C PHE A 431 -28.46 8.20 -3.39
N SER A 432 -29.74 8.11 -3.73
CA SER A 432 -30.76 9.02 -3.22
C SER A 432 -31.98 8.25 -2.68
N ILE A 433 -32.01 8.02 -1.37
CA ILE A 433 -33.18 7.46 -0.67
C ILE A 433 -33.36 8.19 0.69
N THR A 438 -46.78 0.91 -0.76
CA THR A 438 -46.90 0.24 0.53
C THR A 438 -45.69 0.50 1.42
N SER A 439 -45.96 1.00 2.62
CA SER A 439 -44.93 1.30 3.61
C SER A 439 -44.76 0.15 4.58
N GLN A 440 -45.43 -0.97 4.32
CA GLN A 440 -45.38 -2.14 5.18
C GLN A 440 -43.98 -2.76 5.25
N GLU A 441 -43.22 -2.79 4.14
CA GLU A 441 -41.96 -3.54 4.10
C GLU A 441 -40.80 -2.86 4.82
N PRO A 442 -40.18 -3.52 5.81
CA PRO A 442 -39.05 -2.90 6.53
C PRO A 442 -37.74 -2.84 5.77
N CYS A 443 -37.36 -3.89 5.05
CA CYS A 443 -36.01 -4.03 4.54
C CYS A 443 -35.95 -4.41 3.07
N GLY A 444 -34.73 -4.38 2.53
CA GLY A 444 -34.56 -4.69 1.12
C GLY A 444 -33.18 -5.21 0.79
N ARG A 445 -33.05 -5.95 -0.31
CA ARG A 445 -31.77 -6.50 -0.72
C ARG A 445 -31.40 -5.99 -2.12
N LEU A 446 -30.17 -5.52 -2.28
CA LEU A 446 -29.69 -5.10 -3.59
C LEU A 446 -28.55 -6.02 -4.01
N SER A 447 -28.27 -6.02 -5.31
CA SER A 447 -27.31 -6.97 -5.86
C SER A 447 -26.57 -6.32 -7.02
N PHE A 448 -25.37 -6.84 -7.30
CA PHE A 448 -24.50 -6.26 -8.30
C PHE A 448 -24.32 -7.29 -9.40
N LEU A 449 -24.36 -6.82 -10.65
CA LEU A 449 -24.30 -7.72 -11.79
C LEU A 449 -23.39 -7.14 -12.87
N LYS A 450 -22.70 -8.03 -13.59
CA LYS A 450 -21.82 -7.62 -14.68
C LYS A 450 -22.55 -7.47 -16.01
N GLU A 451 -23.69 -8.13 -16.18
CA GLU A 451 -24.51 -7.88 -17.34
C GLU A 451 -25.74 -7.08 -16.94
N PRO A 452 -26.15 -6.08 -17.74
CA PRO A 452 -27.24 -5.17 -17.37
C PRO A 452 -28.63 -5.81 -17.48
N THR A 455 -31.01 -6.12 -19.71
CA THR A 455 -31.28 -6.92 -20.89
C THR A 455 -32.69 -7.51 -20.85
N LYS A 456 -32.96 -8.24 -19.78
CA LYS A 456 -34.25 -8.82 -19.45
C LYS A 456 -34.71 -9.87 -20.46
N GLY A 457 -33.85 -10.25 -21.41
CA GLY A 457 -34.23 -11.23 -22.40
C GLY A 457 -33.91 -12.61 -21.87
N LEU A 458 -32.65 -12.82 -21.46
CA LEU A 458 -32.20 -13.99 -20.75
C LEU A 458 -31.66 -13.60 -19.38
N PRO A 459 -31.80 -14.47 -18.36
CA PRO A 459 -31.17 -14.18 -17.06
C PRO A 459 -29.65 -14.28 -17.09
N GLN A 460 -28.97 -13.14 -16.94
CA GLN A 460 -27.52 -13.09 -16.76
C GLN A 460 -27.23 -12.92 -15.27
N THR A 461 -26.98 -14.04 -14.59
CA THR A 461 -26.94 -14.06 -13.12
C THR A 461 -25.97 -13.03 -12.56
N ALA A 462 -26.19 -12.63 -11.32
CA ALA A 462 -25.54 -11.48 -10.73
C ALA A 462 -24.19 -11.84 -10.12
N VAL A 463 -23.52 -10.82 -9.59
CA VAL A 463 -22.24 -10.97 -8.91
C VAL A 463 -22.44 -11.14 -7.42
N CYS A 464 -23.12 -10.18 -6.79
CA CYS A 464 -23.22 -10.21 -5.32
C CYS A 464 -24.62 -9.85 -4.84
N ASN A 465 -25.22 -10.72 -4.02
CA ASN A 465 -26.50 -10.48 -3.36
C ASN A 465 -26.29 -10.08 -1.90
N LEU A 466 -26.70 -8.85 -1.55
CA LEU A 466 -26.58 -8.35 -0.19
C LEU A 466 -27.92 -7.84 0.32
N ASN A 467 -28.16 -8.03 1.62
CA ASN A 467 -29.40 -7.66 2.26
C ASN A 467 -29.15 -6.44 3.16
N ILE A 468 -29.92 -5.38 2.94
CA ILE A 468 -29.78 -4.13 3.67
C ILE A 468 -31.06 -3.79 4.47
N THR A 469 -30.90 -2.77 5.34
CA THR A 469 -31.90 -2.33 6.31
C THR A 469 -31.69 -0.86 6.65
N LEU A 470 -32.59 0.02 6.21
CA LEU A 470 -32.45 1.43 6.55
C LEU A 470 -32.49 1.61 8.07
N PRO A 471 -31.69 2.54 8.64
CA PRO A 471 -31.74 2.78 10.08
C PRO A 471 -32.99 3.57 10.45
N ALA A 472 -33.38 4.51 9.60
CA ALA A 472 -34.67 5.21 9.67
C ALA A 472 -34.78 6.08 10.93
N HIS A 473 -33.74 6.86 11.21
CA HIS A 473 -33.83 7.83 12.29
C HIS A 473 -34.73 9.01 11.93
N LYS A 474 -34.99 9.20 10.64
CA LYS A 474 -35.96 10.15 10.12
C LYS A 474 -36.39 9.62 8.76
N LYS A 475 -37.09 10.46 7.99
CA LYS A 475 -37.46 10.14 6.62
C LYS A 475 -36.94 11.23 5.69
N ALA A 476 -37.31 11.13 4.42
CA ALA A 476 -36.90 12.08 3.39
C ALA A 476 -37.86 12.02 2.22
N TYR B 8 -47.43 53.41 -10.15
CA TYR B 8 -46.46 52.74 -11.01
C TYR B 8 -45.07 53.39 -10.96
N PHE B 9 -44.92 54.40 -10.10
CA PHE B 9 -43.58 54.82 -9.71
C PHE B 9 -42.90 53.70 -8.95
N ASP B 10 -43.72 52.85 -8.33
CA ASP B 10 -43.25 51.71 -7.56
C ASP B 10 -42.59 50.67 -8.45
N VAL B 11 -43.35 50.10 -9.39
CA VAL B 11 -42.81 49.02 -10.22
C VAL B 11 -41.75 49.50 -11.19
N ALA B 12 -41.58 50.82 -11.33
CA ALA B 12 -40.49 51.39 -12.12
C ALA B 12 -39.23 51.66 -11.31
N GLU B 13 -39.35 52.06 -10.04
CA GLU B 13 -38.16 52.41 -9.28
C GLU B 13 -37.66 51.28 -8.38
N VAL B 14 -38.55 50.58 -7.67
CA VAL B 14 -38.12 49.56 -6.73
C VAL B 14 -37.77 48.26 -7.45
N GLU B 15 -38.57 47.87 -8.44
CA GLU B 15 -38.22 46.74 -9.27
C GLU B 15 -36.87 46.97 -9.96
N ALA B 16 -36.57 48.22 -10.28
CA ALA B 16 -35.25 48.56 -10.82
C ALA B 16 -34.16 48.42 -9.75
N TRP B 17 -34.44 48.86 -8.52
CA TRP B 17 -33.43 48.74 -7.46
C TRP B 17 -33.09 47.28 -7.19
N LEU B 18 -34.10 46.43 -7.04
CA LEU B 18 -33.83 45.01 -6.89
C LEU B 18 -33.27 44.40 -8.16
N GLY B 19 -33.57 45.00 -9.32
CA GLY B 19 -32.93 44.59 -10.55
C GLY B 19 -31.43 44.77 -10.54
N GLU B 20 -30.94 45.87 -9.98
CA GLU B 20 -29.49 46.03 -9.87
C GLU B 20 -28.93 45.34 -8.64
N GLN B 21 -29.77 45.10 -7.65
CA GLN B 21 -29.35 44.37 -6.47
C GLN B 21 -29.04 42.92 -6.84
N GLU B 22 -29.87 42.31 -7.69
CA GLU B 22 -29.66 40.92 -8.08
C GLU B 22 -28.34 40.78 -8.82
N LEU B 23 -28.07 41.70 -9.75
CA LEU B 23 -26.85 41.63 -10.54
C LEU B 23 -25.61 41.77 -9.65
N LEU B 24 -25.63 42.73 -8.70
CA LEU B 24 -24.46 42.87 -7.84
C LEU B 24 -24.23 41.64 -6.98
N MET B 25 -25.28 41.16 -6.29
CA MET B 25 -25.08 40.01 -5.40
C MET B 25 -24.70 38.75 -6.16
N MET B 26 -25.37 38.47 -7.27
CA MET B 26 -24.99 37.34 -8.10
C MET B 26 -23.64 37.63 -8.72
N SER B 27 -22.71 36.69 -8.60
CA SER B 27 -21.39 36.97 -9.13
C SER B 27 -20.70 35.70 -9.59
N GLU B 28 -19.75 35.88 -10.49
CA GLU B 28 -18.92 34.81 -11.01
C GLU B 28 -17.57 34.80 -10.31
N ASP B 29 -17.40 35.62 -9.27
CA ASP B 29 -16.17 35.64 -8.48
C ASP B 29 -16.58 35.05 -7.15
N LYS B 30 -15.98 33.92 -6.84
CA LYS B 30 -16.17 33.17 -5.61
C LYS B 30 -15.09 33.47 -4.57
N GLY B 31 -13.98 34.11 -4.99
CA GLY B 31 -12.85 34.47 -4.14
C GLY B 31 -11.53 33.84 -4.54
N LYS B 32 -10.55 34.72 -4.80
CA LYS B 32 -9.26 34.31 -5.37
C LYS B 32 -8.32 33.65 -4.35
N ASP B 33 -7.79 34.44 -3.42
CA ASP B 33 -6.87 33.94 -2.41
C ASP B 33 -7.55 33.96 -1.05
N GLU B 34 -6.80 33.66 0.00
CA GLU B 34 -7.36 33.66 1.34
C GLU B 34 -7.86 35.06 1.73
N GLN B 35 -6.98 36.07 1.69
CA GLN B 35 -7.37 37.43 2.06
C GLN B 35 -8.25 38.14 1.00
N SER B 36 -8.49 37.53 -0.16
CA SER B 36 -9.53 38.03 -1.07
C SER B 36 -10.90 37.70 -0.50
N THR B 37 -11.28 36.42 -0.56
CA THR B 37 -12.58 35.95 -0.08
C THR B 37 -13.05 36.78 1.10
N LEU B 38 -12.18 36.97 2.09
CA LEU B 38 -12.46 37.82 3.23
C LEU B 38 -12.93 39.23 2.87
N GLN B 39 -12.06 40.04 2.27
CA GLN B 39 -12.40 41.41 1.89
C GLN B 39 -13.41 41.49 0.75
N LEU B 40 -13.85 40.35 0.20
CA LEU B 40 -15.03 40.29 -0.66
C LEU B 40 -16.29 39.92 0.12
N LEU B 41 -16.12 39.15 1.18
CA LEU B 41 -17.24 38.72 2.01
C LEU B 41 -17.72 39.88 2.87
N LYS B 42 -16.78 40.65 3.41
CA LYS B 42 -17.13 41.94 4.02
C LYS B 42 -18.12 42.70 3.14
N LYS B 43 -17.78 42.84 1.86
CA LYS B 43 -18.69 43.49 0.90
C LYS B 43 -20.03 42.75 0.81
N HIS B 44 -20.01 41.43 0.91
CA HIS B 44 -21.28 40.70 0.86
C HIS B 44 -22.16 40.99 2.08
N LEU B 45 -21.55 41.15 3.26
CA LEU B 45 -22.33 41.47 4.45
C LEU B 45 -22.85 42.90 4.41
N GLN B 46 -22.10 43.81 3.76
CA GLN B 46 -22.66 45.13 3.47
C GLN B 46 -23.89 45.00 2.60
N LEU B 47 -23.81 44.23 1.50
CA LEU B 47 -24.95 44.13 0.60
C LEU B 47 -26.15 43.50 1.31
N GLU B 48 -25.92 42.50 2.15
CA GLU B 48 -27.02 41.86 2.87
C GLU B 48 -27.69 42.80 3.86
N GLN B 49 -26.89 43.56 4.62
CA GLN B 49 -27.49 44.56 5.49
C GLN B 49 -28.22 45.64 4.70
N GLY B 50 -27.75 46.02 3.51
CA GLY B 50 -28.49 46.96 2.68
C GLY B 50 -29.80 46.42 2.14
N VAL B 51 -29.85 45.11 1.86
CA VAL B 51 -31.10 44.49 1.49
C VAL B 51 -32.03 44.44 2.69
N GLU B 52 -31.49 44.17 3.88
CA GLU B 52 -32.32 44.10 5.06
C GLU B 52 -32.81 45.48 5.49
N ASN B 53 -32.02 46.52 5.21
CA ASN B 53 -32.43 47.91 5.39
C ASN B 53 -33.24 48.43 4.21
N TYR B 54 -33.55 47.59 3.24
CA TYR B 54 -34.61 47.89 2.29
C TYR B 54 -35.95 47.31 2.72
N GLU B 55 -36.00 46.72 3.93
CA GLU B 55 -37.26 46.27 4.53
C GLU B 55 -38.00 47.43 5.20
N GLU B 56 -37.30 48.51 5.55
CA GLU B 56 -37.91 49.72 6.09
C GLU B 56 -38.23 50.74 5.00
N SER B 57 -38.13 50.35 3.73
CA SER B 57 -38.66 51.12 2.62
C SER B 57 -39.78 50.41 1.87
N ILE B 58 -39.95 49.11 2.08
CA ILE B 58 -41.09 48.37 1.53
C ILE B 58 -42.37 48.56 2.32
N ALA B 59 -42.35 49.36 3.39
CA ALA B 59 -43.62 49.74 3.99
C ALA B 59 -44.31 50.86 3.22
N GLN B 60 -43.55 51.65 2.46
CA GLN B 60 -44.16 52.62 1.55
C GLN B 60 -44.80 51.90 0.37
N LEU B 61 -44.11 50.90 -0.19
CA LEU B 61 -44.70 50.13 -1.28
C LEU B 61 -45.91 49.33 -0.82
N SER B 62 -45.82 48.73 0.38
CA SER B 62 -46.98 47.99 0.89
C SER B 62 -48.16 48.93 1.09
N ARG B 63 -47.90 50.13 1.65
CA ARG B 63 -48.97 51.10 1.83
C ARG B 63 -49.56 51.53 0.48
N GLN B 64 -48.70 51.81 -0.51
CA GLN B 64 -49.17 52.27 -1.82
C GLN B 64 -50.03 51.22 -2.52
N CYS B 65 -49.58 49.97 -2.50
CA CYS B 65 -50.32 48.88 -3.13
C CYS B 65 -51.59 48.49 -2.36
N ARG B 66 -51.52 48.41 -1.03
CA ARG B 66 -52.66 47.93 -0.24
C ARG B 66 -53.90 48.83 -0.31
N ALA B 67 -53.73 50.14 -0.31
CA ALA B 67 -54.90 51.03 -0.28
C ALA B 67 -55.81 50.84 -1.50
N ARG B 82 -49.36 41.92 -9.85
CA ARG B 82 -48.03 42.51 -9.83
C ARG B 82 -47.47 42.56 -8.40
N GLN B 83 -48.35 42.69 -7.42
CA GLN B 83 -47.96 42.66 -6.01
C GLN B 83 -47.46 41.28 -5.57
N SER B 84 -48.07 40.22 -6.08
CA SER B 84 -47.58 38.89 -5.78
C SER B 84 -46.33 38.54 -6.58
N GLN B 85 -46.10 39.22 -7.71
CA GLN B 85 -44.85 39.03 -8.45
C GLN B 85 -43.64 39.50 -7.65
N VAL B 86 -43.75 40.66 -7.02
CA VAL B 86 -42.62 41.25 -6.29
C VAL B 86 -42.53 40.85 -4.82
N ASP B 87 -43.66 40.46 -4.18
CA ASP B 87 -43.61 39.99 -2.79
C ASP B 87 -42.59 38.86 -2.59
N ARG B 88 -42.36 38.05 -3.61
CA ARG B 88 -41.38 36.96 -3.52
C ARG B 88 -39.94 37.45 -3.65
N LEU B 89 -39.70 38.46 -4.48
CA LEU B 89 -38.33 38.84 -4.84
C LEU B 89 -37.48 39.30 -3.67
N TYR B 90 -38.07 39.74 -2.55
CA TYR B 90 -37.23 40.07 -1.41
C TYR B 90 -36.76 38.80 -0.69
N VAL B 91 -37.65 37.82 -0.52
CA VAL B 91 -37.26 36.57 0.12
C VAL B 91 -36.31 35.78 -0.77
N ALA B 92 -36.37 36.00 -2.08
CA ALA B 92 -35.44 35.33 -2.98
C ALA B 92 -34.07 36.01 -3.01
N LEU B 93 -34.03 37.35 -2.93
CA LEU B 93 -32.73 38.01 -2.90
C LEU B 93 -32.06 37.93 -1.52
N LYS B 94 -32.81 37.58 -0.48
CA LYS B 94 -32.21 37.29 0.83
C LYS B 94 -32.06 35.79 1.09
N GLU B 95 -32.53 34.95 0.17
CA GLU B 95 -32.13 33.55 0.16
C GLU B 95 -30.91 33.36 -0.71
N LEU B 96 -30.79 34.17 -1.77
CA LEU B 96 -29.54 34.23 -2.52
C LEU B 96 -28.46 34.85 -1.66
N GLY B 97 -28.82 35.83 -0.83
CA GLY B 97 -27.89 36.27 0.20
C GLY B 97 -27.56 35.17 1.20
N GLU B 98 -28.60 34.49 1.74
CA GLU B 98 -28.34 33.42 2.70
C GLU B 98 -27.77 32.17 2.06
N GLU B 99 -27.46 32.17 0.76
CA GLU B 99 -26.71 31.11 0.10
C GLU B 99 -25.29 31.53 -0.27
N ARG B 100 -25.13 32.66 -0.98
CA ARG B 100 -23.80 33.08 -1.39
C ARG B 100 -22.97 33.65 -0.24
N ARG B 101 -23.61 33.99 0.89
CA ARG B 101 -22.82 34.20 2.10
C ARG B 101 -22.13 32.90 2.49
N VAL B 102 -22.87 31.79 2.40
CA VAL B 102 -22.31 30.49 2.79
C VAL B 102 -21.24 30.06 1.79
N SER B 103 -21.44 30.32 0.49
CA SER B 103 -20.41 29.99 -0.49
C SER B 103 -19.11 30.75 -0.22
N LEU B 104 -19.19 32.05 0.10
CA LEU B 104 -17.95 32.80 0.37
C LEU B 104 -17.30 32.34 1.68
N GLU B 105 -18.11 32.09 2.72
CA GLU B 105 -17.61 31.49 3.96
C GLU B 105 -16.83 30.22 3.65
N GLN B 106 -17.42 29.35 2.83
CA GLN B 106 -16.75 28.13 2.39
C GLN B 106 -15.40 28.48 1.78
N GLN B 107 -15.40 29.29 0.72
CA GLN B 107 -14.15 29.54 -0.01
C GLN B 107 -13.07 30.16 0.85
N TYR B 108 -13.41 30.96 1.86
CA TYR B 108 -12.38 31.28 2.83
C TYR B 108 -11.90 30.01 3.54
N TRP B 109 -12.81 29.37 4.26
CA TRP B 109 -12.43 28.29 5.17
C TRP B 109 -11.62 27.22 4.45
N LEU B 110 -11.91 26.97 3.19
CA LEU B 110 -11.07 26.10 2.38
C LEU B 110 -9.62 26.57 2.41
N TYR B 111 -9.38 27.80 1.93
CA TYR B 111 -8.02 28.34 1.87
C TYR B 111 -7.33 28.26 3.22
N GLN B 112 -8.08 28.48 4.30
CA GLN B 112 -7.49 28.32 5.62
C GLN B 112 -7.07 26.87 5.86
N LEU B 113 -8.02 25.93 5.74
CA LEU B 113 -7.71 24.53 6.06
C LEU B 113 -6.56 24.02 5.22
N SER B 114 -6.61 24.26 3.91
CA SER B 114 -5.49 23.93 3.05
C SER B 114 -4.17 24.47 3.63
N ARG B 115 -4.12 25.78 3.91
CA ARG B 115 -2.85 26.32 4.39
C ARG B 115 -2.38 25.64 5.68
N GLN B 116 -3.31 25.39 6.61
CA GLN B 116 -2.94 24.66 7.82
C GLN B 116 -2.39 23.27 7.51
N VAL B 117 -3.03 22.57 6.57
CA VAL B 117 -2.58 21.23 6.21
C VAL B 117 -1.16 21.30 5.65
N ASP B 118 -0.98 22.00 4.53
CA ASP B 118 0.32 22.12 3.90
C ASP B 118 1.41 22.49 4.92
N GLU B 119 1.19 23.55 5.70
CA GLU B 119 2.18 23.95 6.68
C GLU B 119 2.44 22.85 7.71
N LEU B 120 1.40 22.08 8.07
CA LEU B 120 1.58 21.01 9.04
C LEU B 120 2.33 19.83 8.44
N GLU B 121 2.01 19.47 7.20
CA GLU B 121 2.79 18.47 6.49
C GLU B 121 4.25 18.85 6.48
N HIS B 122 4.56 20.13 6.18
CA HIS B 122 5.96 20.55 6.23
C HIS B 122 6.53 20.56 7.65
N TRP B 123 5.69 20.61 8.70
CA TRP B 123 6.23 20.42 10.05
C TRP B 123 6.57 18.96 10.31
N ILE B 124 5.63 18.10 9.93
CA ILE B 124 5.90 16.65 10.04
C ILE B 124 7.14 16.40 9.18
N ALA B 125 7.21 17.11 8.07
CA ALA B 125 8.35 17.02 7.13
C ALA B 125 9.64 17.38 7.86
N GLU B 126 9.74 18.65 8.28
CA GLU B 126 10.98 19.13 8.95
C GLU B 126 11.34 18.22 10.12
N LYS B 127 10.38 17.84 10.96
CA LYS B 127 10.77 16.98 12.11
C LYS B 127 11.13 15.57 11.62
N GLU B 128 10.54 15.10 10.52
CA GLU B 128 10.86 13.74 10.03
C GLU B 128 12.36 13.60 9.85
N VAL B 129 12.97 14.54 9.13
CA VAL B 129 14.43 14.54 8.84
C VAL B 129 15.20 14.32 10.14
N VAL B 130 14.91 15.10 11.17
CA VAL B 130 15.68 14.94 12.44
C VAL B 130 15.50 13.52 12.97
N ALA B 131 14.29 12.98 12.92
CA ALA B 131 14.13 11.61 13.43
C ALA B 131 15.00 10.68 12.61
N GLY B 132 14.81 10.69 11.30
CA GLY B 132 15.51 9.74 10.41
C GLY B 132 17.01 9.88 10.39
N SER B 133 17.61 10.79 11.16
CA SER B 133 19.05 10.88 11.00
C SER B 133 19.72 9.66 11.61
N PRO B 134 20.85 9.20 11.07
CA PRO B 134 21.44 7.94 11.54
C PRO B 134 22.69 8.07 12.39
N GLU B 135 23.06 9.28 12.80
CA GLU B 135 24.32 9.48 13.50
C GLU B 135 24.27 8.81 14.87
N LEU B 136 25.11 7.81 15.08
CA LEU B 136 25.20 7.12 16.36
C LEU B 136 26.61 7.29 16.92
N GLY B 137 27.26 8.36 16.52
CA GLY B 137 28.49 8.82 17.12
C GLY B 137 29.76 8.12 16.70
N GLN B 138 30.83 8.54 17.35
CA GLN B 138 32.11 7.87 17.31
C GLN B 138 32.67 7.53 18.68
N ASP B 139 32.06 7.98 19.77
CA ASP B 139 32.52 7.62 21.10
C ASP B 139 31.35 7.66 22.07
N PHE B 140 31.59 7.08 23.24
CA PHE B 140 30.58 7.02 24.29
C PHE B 140 30.07 8.39 24.69
N GLU B 141 30.95 9.20 25.27
CA GLU B 141 30.56 10.50 25.83
C GLU B 141 29.56 11.24 24.97
N HIS B 142 29.81 11.35 23.67
CA HIS B 142 28.99 12.25 22.89
C HIS B 142 27.78 11.55 22.28
N VAL B 143 27.86 10.25 22.02
CA VAL B 143 26.62 9.57 21.69
C VAL B 143 25.69 9.60 22.88
N SER B 144 26.25 9.51 24.09
CA SER B 144 25.48 9.67 25.31
C SER B 144 24.91 11.08 25.42
N VAL B 145 25.57 12.07 24.81
CA VAL B 145 24.93 13.38 24.64
C VAL B 145 23.73 13.26 23.71
N LEU B 146 23.98 12.81 22.48
CA LEU B 146 22.95 12.68 21.47
C LEU B 146 21.69 12.03 22.01
N GLN B 147 21.86 11.07 22.91
CA GLN B 147 20.75 10.52 23.69
C GLN B 147 19.83 11.61 24.22
N GLU B 148 20.39 12.52 25.03
CA GLU B 148 19.62 13.64 25.54
C GLU B 148 19.13 14.54 24.39
N LYS B 149 20.08 15.08 23.61
CA LYS B 149 19.77 16.00 22.52
C LYS B 149 18.65 15.49 21.63
N PHE B 150 18.38 14.19 21.63
CA PHE B 150 17.19 13.65 20.99
C PHE B 150 16.01 13.57 21.92
N SER B 151 16.20 12.98 23.09
CA SER B 151 15.06 12.68 23.95
C SER B 151 14.28 13.94 24.29
N GLU B 152 14.97 15.10 24.29
CA GLU B 152 14.25 16.37 24.37
C GLU B 152 13.32 16.55 23.19
N PHE B 153 13.87 16.45 21.98
CA PHE B 153 13.08 16.56 20.78
C PHE B 153 11.91 15.57 20.78
N ALA B 154 12.07 14.42 21.43
CA ALA B 154 10.96 13.50 21.64
C ALA B 154 9.76 14.19 22.27
N SER B 155 9.96 14.85 23.40
CA SER B 155 8.83 15.51 24.04
C SER B 155 8.36 16.70 23.22
N GLU B 156 9.24 17.67 22.98
CA GLU B 156 8.89 18.87 22.22
C GLU B 156 8.00 18.53 21.03
N THR B 157 8.49 17.62 20.20
CA THR B 157 7.72 17.18 19.05
C THR B 157 6.47 16.43 19.48
N GLY B 158 6.60 15.43 20.34
CA GLY B 158 5.45 14.64 20.75
C GLY B 158 4.25 15.46 21.16
N THR B 159 4.41 16.24 22.24
CA THR B 159 3.31 17.04 22.74
C THR B 159 2.91 18.15 21.76
N ALA B 160 3.89 18.86 21.17
CA ALA B 160 3.54 19.98 20.29
C ALA B 160 2.77 19.50 19.07
N GLY B 161 3.12 18.31 18.59
CA GLY B 161 2.41 17.65 17.53
C GLY B 161 1.00 17.34 17.99
N ARG B 162 0.85 16.61 19.11
CA ARG B 162 -0.46 16.31 19.66
C ARG B 162 -1.36 17.53 19.55
N GLU B 163 -0.82 18.68 19.95
CA GLU B 163 -1.50 19.95 19.81
C GLU B 163 -1.88 20.24 18.36
N ARG B 164 -0.88 20.45 17.49
CA ARG B 164 -1.16 20.90 16.12
C ARG B 164 -2.15 19.97 15.43
N LEU B 165 -1.95 18.66 15.59
CA LEU B 165 -2.87 17.63 15.17
C LEU B 165 -4.26 17.95 15.67
N ALA B 166 -4.47 17.92 16.99
CA ALA B 166 -5.82 18.10 17.52
C ALA B 166 -6.50 19.34 16.96
N ALA B 167 -5.76 20.47 16.92
CA ALA B 167 -6.31 21.71 16.37
C ALA B 167 -6.76 21.55 14.92
N VAL B 168 -5.94 20.90 14.10
CA VAL B 168 -6.28 20.77 12.68
C VAL B 168 -7.40 19.74 12.48
N ASN B 169 -7.29 18.60 13.17
CA ASN B 169 -8.35 17.61 13.23
C ASN B 169 -9.69 18.29 13.44
N GLN B 170 -9.82 18.98 14.56
CA GLN B 170 -11.10 19.58 14.88
C GLN B 170 -11.44 20.71 13.89
N MET B 171 -10.44 21.32 13.22
CA MET B 171 -10.78 22.19 12.09
C MET B 171 -11.59 21.44 11.06
N VAL B 172 -11.17 20.21 10.77
CA VAL B 172 -11.90 19.42 9.80
C VAL B 172 -13.26 19.06 10.35
N ASP B 173 -13.31 18.45 11.52
CA ASP B 173 -14.58 17.97 12.07
C ASP B 173 -15.63 19.09 12.16
N GLU B 174 -15.20 20.33 12.47
CA GLU B 174 -16.09 21.48 12.34
C GLU B 174 -16.57 21.62 10.90
N LEU B 175 -15.63 21.71 9.95
CA LEU B 175 -16.03 21.90 8.56
C LEU B 175 -16.92 20.77 8.06
N ILE B 176 -16.75 19.58 8.61
CA ILE B 176 -17.64 18.46 8.28
C ILE B 176 -19.06 18.77 8.77
N GLU B 177 -19.23 18.88 10.10
CA GLU B 177 -20.55 19.13 10.67
C GLU B 177 -21.26 20.34 10.05
N CYS B 178 -20.52 21.34 9.55
CA CYS B 178 -21.12 22.39 8.72
C CYS B 178 -21.73 21.80 7.46
N GLY B 179 -20.97 20.99 6.75
CA GLY B 179 -21.41 20.49 5.48
C GLY B 179 -20.77 21.28 4.37
N HIS B 180 -19.43 21.27 4.37
CA HIS B 180 -18.66 21.96 3.35
C HIS B 180 -18.74 21.15 2.05
N THR B 181 -18.53 21.84 0.92
CA THR B 181 -18.65 21.18 -0.37
C THR B 181 -17.62 20.05 -0.54
N ALA B 182 -16.38 20.28 -0.15
CA ALA B 182 -15.27 19.37 -0.43
C ALA B 182 -14.83 18.57 0.78
N ALA B 183 -15.75 18.24 1.70
CA ALA B 183 -15.35 17.60 2.94
C ALA B 183 -14.58 16.31 2.70
N ALA B 184 -15.09 15.43 1.85
CA ALA B 184 -14.40 14.19 1.48
C ALA B 184 -12.87 14.36 1.45
N THR B 185 -12.44 15.38 0.69
CA THR B 185 -11.02 15.75 0.65
C THR B 185 -10.47 16.02 2.04
N MET B 186 -11.26 16.68 2.90
CA MET B 186 -10.82 16.95 4.26
C MET B 186 -10.74 15.69 5.10
N ALA B 187 -11.56 14.70 4.77
CA ALA B 187 -11.45 13.40 5.43
C ALA B 187 -10.13 12.73 5.06
N GLU B 188 -9.88 12.57 3.76
CA GLU B 188 -8.62 11.95 3.37
C GLU B 188 -7.42 12.85 3.66
N TRP B 189 -7.65 14.12 3.93
CA TRP B 189 -6.60 14.95 4.54
C TRP B 189 -6.43 14.59 6.00
N LYS B 190 -7.54 14.35 6.70
CA LYS B 190 -7.43 13.99 8.11
C LYS B 190 -6.64 12.70 8.27
N ASP B 191 -7.01 11.66 7.53
CA ASP B 191 -6.23 10.43 7.53
C ASP B 191 -4.80 10.71 7.09
N GLY B 192 -4.63 11.43 5.98
CA GLY B 192 -3.30 11.73 5.47
C GLY B 192 -2.39 12.44 6.46
N LEU B 193 -2.95 13.15 7.44
CA LEU B 193 -2.15 13.73 8.51
C LEU B 193 -1.99 12.76 9.69
N ASN B 194 -3.10 12.40 10.32
CA ASN B 194 -3.06 11.53 11.51
C ASN B 194 -2.21 10.28 11.29
N GLU B 195 -2.27 9.70 10.09
CA GLU B 195 -1.45 8.53 9.79
C GLU B 195 0.03 8.90 9.85
N ALA B 196 0.45 9.85 9.01
CA ALA B 196 1.85 10.26 9.00
C ALA B 196 2.32 10.69 10.40
N TRP B 197 1.42 11.23 11.21
CA TRP B 197 1.76 11.57 12.58
C TRP B 197 2.13 10.31 13.36
N ALA B 198 1.18 9.40 13.55
CA ALA B 198 1.49 8.21 14.34
C ALA B 198 2.70 7.48 13.77
N GLU B 199 2.90 7.59 12.45
CA GLU B 199 4.15 7.13 11.84
C GLU B 199 5.34 7.84 12.45
N LEU B 200 5.27 9.16 12.56
CA LEU B 200 6.34 9.91 13.20
C LEU B 200 6.58 9.42 14.62
N LEU B 201 5.53 9.38 15.44
CA LEU B 201 5.66 8.85 16.80
C LEU B 201 6.45 7.54 16.81
N GLU B 202 6.00 6.57 16.01
CA GLU B 202 6.69 5.29 15.89
C GLU B 202 8.16 5.51 15.57
N LEU B 203 8.43 6.30 14.52
CA LEU B 203 9.80 6.53 14.07
C LEU B 203 10.70 7.01 15.20
N MET B 204 10.18 7.92 16.03
CA MET B 204 10.98 8.38 17.15
C MET B 204 11.22 7.25 18.12
N GLY B 205 10.18 6.44 18.38
CA GLY B 205 10.34 5.28 19.25
C GLY B 205 11.36 4.28 18.74
N THR B 206 11.56 4.21 17.43
CA THR B 206 12.64 3.39 16.90
C THR B 206 13.99 4.05 17.17
N ARG B 207 14.17 5.26 16.61
CA ARG B 207 15.40 6.01 16.78
C ARG B 207 15.93 5.91 18.21
N ALA B 208 15.07 6.27 19.15
CA ALA B 208 15.35 6.11 20.58
C ALA B 208 16.09 4.81 20.87
N GLN B 209 15.46 3.68 20.53
CA GLN B 209 16.05 2.38 20.86
C GLN B 209 17.43 2.23 20.22
N LEU B 210 17.54 2.64 18.95
CA LEU B 210 18.82 2.57 18.25
C LEU B 210 19.90 3.27 19.06
N LEU B 211 19.56 4.46 19.57
CA LEU B 211 20.51 5.21 20.36
C LEU B 211 20.87 4.45 21.63
N ALA B 212 19.86 3.97 22.37
CA ALA B 212 20.11 3.17 23.58
C ALA B 212 21.14 2.07 23.35
N ALA B 213 21.03 1.38 22.20
CA ALA B 213 21.99 0.34 21.91
C ALA B 213 23.37 0.94 21.61
N SER B 214 23.42 1.95 20.74
CA SER B 214 24.71 2.59 20.46
C SER B 214 25.39 3.04 21.74
N ARG B 215 24.61 3.50 22.71
CA ARG B 215 25.09 3.77 24.05
C ARG B 215 25.73 2.54 24.67
N GLU B 216 24.92 1.55 25.06
CA GLU B 216 25.47 0.39 25.75
C GLU B 216 26.72 -0.16 25.06
N LEU B 217 26.64 -0.32 23.73
CA LEU B 217 27.81 -0.72 22.94
C LEU B 217 29.02 0.13 23.24
N HIS B 218 28.87 1.46 23.18
CA HIS B 218 30.02 2.32 23.48
C HIS B 218 30.46 2.16 24.93
N LYS B 219 29.50 2.18 25.88
CA LYS B 219 29.82 1.99 27.29
C LYS B 219 30.73 0.79 27.47
N PHE B 220 30.40 -0.31 26.80
CA PHE B 220 31.29 -1.45 26.73
C PHE B 220 32.67 -1.01 26.24
N PHE B 221 32.72 -0.49 25.01
CA PHE B 221 34.00 -0.11 24.40
C PHE B 221 34.87 0.74 25.33
N SER B 222 34.33 1.82 25.87
CA SER B 222 35.10 2.68 26.74
C SER B 222 35.45 1.97 28.04
N ASP B 223 34.56 1.09 28.55
CA ASP B 223 34.93 0.29 29.72
C ASP B 223 36.13 -0.58 29.44
N ALA B 224 36.24 -1.09 28.22
CA ALA B 224 37.46 -1.77 27.81
C ALA B 224 38.64 -0.82 27.84
N ARG B 225 38.50 0.34 27.19
CA ARG B 225 39.60 1.31 27.15
C ARG B 225 40.05 1.75 28.53
N GLU B 226 39.20 1.64 29.56
CA GLU B 226 39.63 1.94 30.91
C GLU B 226 40.14 0.71 31.68
N LEU B 227 39.74 -0.49 31.29
CA LEU B 227 40.24 -1.66 31.99
C LEU B 227 41.57 -2.14 31.43
N GLN B 228 41.65 -2.34 30.11
CA GLN B 228 42.93 -2.61 29.47
C GLN B 228 44.00 -1.64 29.94
N GLY B 229 43.60 -0.39 30.21
CA GLY B 229 44.50 0.60 30.77
C GLY B 229 44.81 0.46 32.25
N GLN B 230 43.80 0.20 33.08
CA GLN B 230 44.09 -0.04 34.49
C GLN B 230 45.03 -1.23 34.65
N ILE B 231 44.84 -2.26 33.83
CA ILE B 231 45.60 -3.49 33.96
C ILE B 231 46.99 -3.33 33.36
N GLU B 232 47.04 -2.75 32.16
CA GLU B 232 48.33 -2.45 31.56
C GLU B 232 49.13 -1.45 32.41
N GLU B 233 48.48 -0.76 33.34
CA GLU B 233 49.26 -0.08 34.38
C GLU B 233 49.77 -1.07 35.41
N LYS B 234 48.86 -1.85 36.01
CA LYS B 234 49.26 -2.80 37.06
C LYS B 234 50.49 -3.60 36.65
N ARG B 235 50.37 -4.36 35.56
CA ARG B 235 51.46 -5.24 35.13
C ARG B 235 52.75 -4.46 34.89
N ARG B 236 52.65 -3.19 34.46
CA ARG B 236 53.85 -2.37 34.33
C ARG B 236 54.43 -1.97 35.68
N ARG B 237 53.57 -1.61 36.64
CA ARG B 237 53.97 -1.07 37.92
C ARG B 237 54.37 -2.13 38.93
N LEU B 238 54.35 -3.42 38.56
CA LEU B 238 54.85 -4.43 39.51
C LEU B 238 56.38 -4.38 39.67
N PRO B 239 57.19 -4.42 38.59
CA PRO B 239 58.65 -4.28 38.75
C PRO B 239 59.05 -3.15 39.68
N ARG B 240 58.31 -2.04 39.65
CA ARG B 240 58.51 -0.94 40.57
C ARG B 240 58.21 -1.37 42.00
N LEU B 241 57.25 -2.25 42.21
CA LEU B 241 56.89 -2.70 43.54
C LEU B 241 57.73 -3.87 44.00
N THR B 242 58.80 -4.20 43.27
CA THR B 242 59.85 -5.05 43.83
C THR B 242 61.25 -4.39 43.85
N ALA B 243 61.35 -3.07 43.71
CA ALA B 243 62.68 -2.43 43.61
C ALA B 243 62.70 -0.92 43.97
N ARG B 248 66.78 2.77 46.65
CA ARG B 248 65.39 3.09 46.35
C ARG B 248 64.34 2.66 47.44
N PRO B 249 64.21 1.32 47.75
CA PRO B 249 63.04 0.81 48.51
C PRO B 249 63.01 0.98 50.04
N SER B 250 62.09 0.24 50.71
CA SER B 250 62.00 0.13 52.17
C SER B 250 61.18 -1.12 52.56
N ALA B 251 61.48 -1.66 53.76
CA ALA B 251 60.70 -2.76 54.35
C ALA B 251 59.40 -2.34 55.01
N SER B 252 59.36 -1.16 55.65
CA SER B 252 58.17 -0.70 56.36
C SER B 252 57.03 -0.24 55.45
N SER B 253 57.31 0.06 54.19
CA SER B 253 56.27 0.29 53.20
C SER B 253 56.35 -0.72 52.07
N MET B 254 56.72 -1.95 52.42
CA MET B 254 56.80 -3.06 51.48
C MET B 254 55.54 -3.91 51.59
N GLN B 255 55.33 -4.55 52.75
CA GLN B 255 54.13 -5.35 52.94
C GLN B 255 52.88 -4.49 52.83
N ARG B 256 52.91 -3.27 53.39
CA ARG B 256 51.75 -2.40 53.34
C ARG B 256 51.38 -2.07 51.90
N THR B 257 52.37 -1.75 51.08
CA THR B 257 52.10 -1.45 49.68
C THR B 257 51.54 -2.67 48.95
N LEU B 258 52.11 -3.87 49.19
CA LEU B 258 51.62 -5.07 48.52
C LEU B 258 50.19 -5.40 48.92
N ARG B 259 49.88 -5.31 50.21
CA ARG B 259 48.53 -5.61 50.65
C ARG B 259 47.55 -4.62 50.03
N ALA B 260 47.95 -3.34 49.94
CA ALA B 260 47.10 -2.36 49.29
C ALA B 260 46.85 -2.70 47.83
N PHE B 261 47.89 -3.15 47.10
CA PHE B 261 47.66 -3.55 45.71
C PHE B 261 46.65 -4.68 45.65
N GLU B 262 46.75 -5.63 46.59
CA GLU B 262 45.75 -6.70 46.65
C GLU B 262 44.36 -6.13 46.86
N HIS B 263 44.24 -5.09 47.70
CA HIS B 263 42.94 -4.46 47.91
C HIS B 263 42.41 -3.90 46.60
N ASP B 264 43.30 -3.33 45.78
CA ASP B 264 42.90 -2.86 44.46
C ASP B 264 42.40 -4.02 43.60
N LEU B 265 43.27 -4.99 43.33
CA LEU B 265 42.91 -6.08 42.43
C LEU B 265 41.60 -6.75 42.82
N GLN B 266 41.31 -6.85 44.12
CA GLN B 266 40.06 -7.48 44.52
C GLN B 266 38.84 -6.61 44.23
N LEU B 267 39.02 -5.31 43.95
CA LEU B 267 37.95 -4.50 43.39
C LEU B 267 37.98 -4.47 41.86
N LEU B 268 39.17 -4.64 41.27
CA LEU B 268 39.25 -4.77 39.82
C LEU B 268 38.47 -5.97 39.34
N VAL B 269 38.43 -7.03 40.17
CA VAL B 269 37.63 -8.20 39.82
C VAL B 269 36.15 -7.87 39.87
N SER B 270 35.70 -7.15 40.92
CA SER B 270 34.30 -6.74 40.98
C SER B 270 33.90 -5.93 39.75
N GLN B 271 34.80 -5.07 39.25
CA GLN B 271 34.49 -4.32 38.03
C GLN B 271 34.37 -5.26 36.84
N VAL B 272 35.38 -6.10 36.63
CA VAL B 272 35.39 -6.96 35.45
C VAL B 272 34.28 -7.99 35.47
N ARG B 273 33.75 -8.36 36.63
CA ARG B 273 32.56 -9.20 36.66
C ARG B 273 31.41 -8.50 35.93
N GLN B 274 31.29 -7.19 36.12
CA GLN B 274 30.33 -6.41 35.37
C GLN B 274 30.75 -6.26 33.91
N LEU B 275 32.06 -6.36 33.62
CA LEU B 275 32.49 -6.29 32.22
C LEU B 275 32.14 -7.55 31.45
N GLN B 276 32.57 -8.71 31.92
CA GLN B 276 32.18 -9.97 31.29
C GLN B 276 30.66 -10.10 31.26
N GLU B 277 30.00 -9.79 32.39
CA GLU B 277 28.54 -9.89 32.47
C GLU B 277 27.83 -8.90 31.57
N GLY B 278 28.49 -7.80 31.20
CA GLY B 278 27.95 -6.95 30.15
C GLY B 278 28.12 -7.57 28.77
N ALA B 279 29.35 -7.98 28.45
CA ALA B 279 29.66 -8.57 27.14
C ALA B 279 28.71 -9.69 26.78
N ALA B 280 28.32 -10.50 27.77
CA ALA B 280 27.39 -11.59 27.49
C ALA B 280 26.06 -11.08 26.95
N GLN B 281 25.38 -10.22 27.71
CA GLN B 281 24.12 -9.65 27.24
C GLN B 281 24.30 -8.89 25.94
N LEU B 282 25.51 -8.38 25.71
CA LEU B 282 25.77 -7.61 24.50
C LEU B 282 25.80 -8.51 23.25
N ARG B 283 26.60 -9.58 23.29
CA ARG B 283 26.73 -10.45 22.12
C ARG B 283 25.35 -10.85 21.58
N THR B 284 24.41 -11.18 22.47
CA THR B 284 23.07 -11.64 22.10
C THR B 284 22.27 -10.62 21.28
N VAL B 285 22.63 -9.34 21.33
CA VAL B 285 21.92 -8.35 20.53
C VAL B 285 22.48 -8.21 19.11
N TYR B 286 23.76 -8.48 18.94
CA TYR B 286 24.49 -8.25 17.70
C TYR B 286 24.84 -9.56 17.05
N ALA B 287 25.31 -9.47 15.83
CA ALA B 287 25.67 -10.70 15.16
C ALA B 287 26.64 -10.40 14.04
N GLY B 288 27.52 -11.36 13.79
CA GLY B 288 28.34 -11.37 12.60
C GLY B 288 29.64 -10.59 12.78
N GLU B 289 29.93 -9.69 11.83
CA GLU B 289 31.07 -8.80 11.95
C GLU B 289 31.06 -8.10 13.30
N HIS B 290 29.87 -7.70 13.76
CA HIS B 290 29.75 -6.99 15.03
C HIS B 290 30.08 -7.91 16.19
N ALA B 291 29.43 -9.09 16.25
CA ALA B 291 29.67 -10.01 17.34
C ALA B 291 31.10 -10.56 17.29
N GLU B 292 31.61 -10.80 16.08
CA GLU B 292 33.01 -11.22 15.91
C GLU B 292 33.98 -10.16 16.40
N ALA B 293 33.57 -8.88 16.38
CA ALA B 293 34.43 -7.84 16.93
C ALA B 293 34.29 -7.70 18.44
N ILE B 294 33.09 -7.94 18.98
CA ILE B 294 32.94 -7.89 20.43
C ILE B 294 33.78 -8.98 21.04
N ALA B 295 33.74 -10.16 20.42
CA ALA B 295 34.61 -11.26 20.79
C ALA B 295 36.07 -10.84 20.89
N SER B 296 36.64 -10.32 19.80
CA SER B 296 38.05 -9.94 19.84
C SER B 296 38.34 -8.83 20.86
N ARG B 297 37.38 -7.96 21.15
CA ARG B 297 37.61 -6.94 22.17
C ARG B 297 37.71 -7.57 23.57
N GLU B 298 36.72 -8.38 23.93
CA GLU B 298 36.70 -8.95 25.27
C GLU B 298 37.75 -10.06 25.45
N GLN B 299 38.01 -10.82 24.41
CA GLN B 299 39.12 -11.77 24.44
C GLN B 299 40.42 -11.03 24.65
N GLU B 300 40.58 -9.87 24.01
CA GLU B 300 41.80 -9.07 24.17
C GLU B 300 41.97 -8.64 25.63
N VAL B 301 40.87 -8.25 26.29
CA VAL B 301 41.01 -7.73 27.65
C VAL B 301 41.20 -8.86 28.66
N LEU B 302 40.50 -9.98 28.48
CA LEU B 302 40.74 -11.14 29.33
C LEU B 302 42.17 -11.65 29.18
N GLN B 303 42.74 -11.50 27.98
CA GLN B 303 44.14 -11.83 27.76
C GLN B 303 45.05 -10.90 28.58
N GLY B 304 44.70 -9.61 28.64
CA GLY B 304 45.40 -8.75 29.57
C GLY B 304 45.25 -9.18 31.01
N TRP B 305 44.07 -9.72 31.35
CA TRP B 305 43.88 -10.29 32.69
C TRP B 305 44.88 -11.40 32.97
N LYS B 306 44.98 -12.37 32.06
CA LYS B 306 45.98 -13.42 32.22
C LYS B 306 47.41 -12.86 32.35
N GLU B 307 47.81 -11.96 31.44
CA GLU B 307 49.17 -11.42 31.51
C GLU B 307 49.46 -10.56 32.74
N LEU B 308 48.46 -10.12 33.49
CA LEU B 308 48.68 -9.59 34.82
C LEU B 308 48.63 -10.67 35.90
N LEU B 309 47.63 -11.53 35.76
CA LEU B 309 47.34 -12.58 36.73
C LEU B 309 48.54 -13.47 36.96
N ALA B 310 49.23 -13.86 35.88
CA ALA B 310 50.40 -14.73 36.01
C ALA B 310 51.53 -14.01 36.74
N ALA B 311 51.74 -12.73 36.42
CA ALA B 311 52.80 -11.97 37.04
C ALA B 311 52.61 -11.89 38.56
N CYS B 312 51.39 -11.60 39.01
CA CYS B 312 51.17 -11.37 40.44
C CYS B 312 51.32 -12.62 41.31
N GLU B 313 51.40 -13.80 40.73
CA GLU B 313 51.82 -14.98 41.48
C GLU B 313 53.26 -14.82 41.96
N ASP B 314 54.21 -14.85 41.02
CA ASP B 314 55.63 -14.77 41.36
C ASP B 314 56.00 -13.37 41.87
#